data_8WU2
#
_entry.id   8WU2
#
_cell.length_a   89.573
_cell.length_b   61.446
_cell.length_c   125.595
_cell.angle_alpha   90.000
_cell.angle_beta   104.640
_cell.angle_gamma   90.000
#
_symmetry.space_group_name_H-M   'P 1 21 1'
#
loop_
_entity.id
_entity.type
_entity.pdbx_description
1 polymer 'RNA polymerase'
2 non-polymer 'SELENIUM ATOM'
3 water water
#
_entity_poly.entity_id   1
_entity_poly.type   'polypeptide(L)'
_entity_poly.pdbx_seq_one_letter_code
;TSDPALQYERITPEWTAEAVIEGCAPLTPLN(MSE)TRSIAE(MSE)H(MSE)EHPPLGITRFFKELGYKIAKKKGSEGT
RRNRFVGQLIEPLRRVLERHHLFGAWQLTSTTPRAVFNIFRSKVDRAPVELHSHYPGLKK(MSE)YDILADLWLERYGS
(MSE)KRLTEDE(MSE)ASAINRRGA(MSE)GYQ(MSE)DNRNYGDLGAYWDSGDWRQDVNTFKRALLSGTPTHAVYNTT
AKKEKTKNLTRQVNKGSRIIQYLPADARLYELKVLGGLHKYLEKCGWSVAGQGLYKYGDRVKKS(MSE)DATGAAISEDV
AGWDTKISKGLLTLESH(MSE)FTKLAEDEE(MSE)AREIHHLYRLYADPH(MSE)VVQREIEGEVHDVLLRGRGQVSSG
RQPTYAANTITNFITTTYG(MSE)A(MSE)TLGIPEADWPRLIRNLTDERGNRRLLVSGDDKVLFLRGDEARVYASSAYR
TSND(MSE)GLVRKD(MSE)ALEQESEIIVDVKEISFCSHRYWPVKYGNEIHY(MSE)PVRDVGEIFAKAT(MSE)ALGV
YKDD(MSE)TQEAWARVQGLN(MSE)LVNYHHIPECR(MSE)LALAILSVTRIGLNLKGVTKGW(MSE)(MSE)STEWLR
DDLAPDTIHALITEGRTSGWDQLGYVDFKDRKGILLRPDTSYKNWRRDLPGKVRQLREDGQYKDWLQR(MSE)AVFG
;
_entity_poly.pdbx_strand_id   A,B
#
loop_
_chem_comp.id
_chem_comp.type
_chem_comp.name
_chem_comp.formula
SE non-polymer 'SELENIUM ATOM' Se
#
# COMPACT_ATOMS: atom_id res chain seq x y z
N PRO A 13 -39.36 34.74 -18.25
CA PRO A 13 -40.61 34.81 -19.02
C PRO A 13 -40.78 33.65 -20.01
N GLU A 14 -40.09 33.69 -21.15
CA GLU A 14 -40.36 32.74 -22.24
C GLU A 14 -39.23 31.72 -22.34
N TRP A 15 -39.48 30.53 -21.81
CA TRP A 15 -38.56 29.42 -21.94
C TRP A 15 -38.71 28.74 -23.30
N THR A 16 -37.63 28.14 -23.76
CA THR A 16 -37.74 27.27 -24.93
C THR A 16 -38.37 25.94 -24.51
N ALA A 17 -38.73 25.14 -25.51
CA ALA A 17 -39.22 23.80 -25.23
C ALA A 17 -38.08 22.95 -24.68
N GLU A 18 -38.45 21.96 -23.87
CA GLU A 18 -37.47 21.01 -23.38
C GLU A 18 -37.11 20.01 -24.48
N ALA A 19 -36.02 19.30 -24.28
CA ALA A 19 -35.65 18.24 -25.20
C ALA A 19 -36.41 16.97 -24.88
N VAL A 20 -36.73 16.21 -25.92
CA VAL A 20 -37.35 14.90 -25.78
C VAL A 20 -36.21 13.88 -25.88
N ILE A 21 -35.87 13.27 -24.75
CA ILE A 21 -34.78 12.31 -24.67
C ILE A 21 -35.41 10.92 -24.64
N GLU A 22 -35.20 10.16 -25.70
CA GLU A 22 -35.76 8.81 -25.79
C GLU A 22 -35.09 7.90 -24.78
N GLY A 23 -35.86 6.92 -24.29
CA GLY A 23 -35.36 5.95 -23.34
C GLY A 23 -35.12 6.47 -21.94
N CYS A 24 -35.60 7.67 -21.61
CA CYS A 24 -35.33 8.28 -20.32
C CYS A 24 -36.64 8.74 -19.68
N ALA A 25 -36.80 8.43 -18.41
CA ALA A 25 -37.96 8.91 -17.66
C ALA A 25 -37.87 10.42 -17.51
N PRO A 26 -38.92 11.17 -17.84
CA PRO A 26 -38.83 12.63 -17.76
C PRO A 26 -38.92 13.14 -16.33
N LEU A 27 -38.22 14.25 -16.10
CA LEU A 27 -38.20 14.90 -14.79
C LEU A 27 -39.36 15.88 -14.68
N THR A 28 -40.56 15.31 -14.57
CA THR A 28 -41.76 16.11 -14.45
C THR A 28 -41.73 16.90 -13.15
N PRO A 29 -42.15 18.18 -13.16
CA PRO A 29 -42.15 18.97 -11.93
C PRO A 29 -43.01 18.33 -10.84
N LEU A 30 -42.57 18.47 -9.60
CA LEU A 30 -43.36 18.06 -8.44
C LEU A 30 -44.40 19.13 -8.11
N ASN A 31 -45.35 18.76 -7.27
CA ASN A 31 -46.32 19.71 -6.73
C ASN A 31 -45.62 20.55 -5.66
N MSE A 32 -45.31 21.80 -5.99
CA MSE A 32 -44.50 22.64 -5.12
C MSE A 32 -45.32 23.60 -4.25
O MSE A 32 -44.75 24.47 -3.58
CB MSE A 32 -43.50 23.45 -5.96
CG MSE A 32 -42.41 22.61 -6.60
SE MSE A 32 -41.21 21.79 -5.29
CE MSE A 32 -40.29 23.40 -4.70
N THR A 33 -46.65 23.44 -4.25
CA THR A 33 -47.50 24.37 -3.51
C THR A 33 -47.26 24.30 -2.01
N ARG A 34 -46.99 23.10 -1.48
CA ARG A 34 -46.70 22.98 -0.06
C ARG A 34 -45.36 23.64 0.28
N SER A 35 -44.32 23.33 -0.50
CA SER A 35 -42.99 23.85 -0.20
C SER A 35 -42.90 25.36 -0.43
N ILE A 36 -43.63 25.87 -1.42
CA ILE A 36 -43.65 27.32 -1.66
C ILE A 36 -44.24 28.04 -0.46
N ALA A 37 -45.33 27.49 0.10
CA ALA A 37 -46.03 28.14 1.20
C ALA A 37 -45.19 28.21 2.47
N GLU A 38 -44.23 27.30 2.64
CA GLU A 38 -43.33 27.35 3.77
C GLU A 38 -42.41 28.56 3.74
N MSE A 39 -42.32 29.25 2.62
CA MSE A 39 -41.42 30.39 2.50
C MSE A 39 -42.09 31.70 2.93
O MSE A 39 -41.41 32.64 3.30
CB MSE A 39 -40.88 30.51 1.07
CG MSE A 39 -40.22 29.23 0.58
SE MSE A 39 -38.90 28.52 1.84
CE MSE A 39 -37.71 30.06 1.95
N HIS A 40 -43.43 31.72 2.90
CA HIS A 40 -44.22 32.83 3.41
C HIS A 40 -44.05 34.09 2.58
N MSE A 41 -44.36 34.00 1.29
CA MSE A 41 -44.34 35.15 0.40
C MSE A 41 -45.53 36.07 0.72
O MSE A 41 -46.57 35.61 1.19
CB MSE A 41 -44.39 34.70 -1.06
CG MSE A 41 -43.02 34.31 -1.64
SE MSE A 41 -41.52 35.29 -0.86
CE MSE A 41 -40.17 33.91 -0.82
N GLU A 42 -45.37 37.36 0.50
CA GLU A 42 -46.41 38.33 0.85
C GLU A 42 -46.95 39.09 -0.35
N HIS A 43 -46.08 39.52 -1.26
CA HIS A 43 -46.44 40.45 -2.31
C HIS A 43 -46.28 39.83 -3.69
N PRO A 44 -47.04 40.28 -4.68
CA PRO A 44 -46.94 39.71 -6.03
C PRO A 44 -45.58 39.93 -6.65
N PRO A 45 -45.22 39.17 -7.68
CA PRO A 45 -43.88 39.27 -8.26
C PRO A 45 -43.69 40.52 -9.11
N LEU A 46 -42.46 41.04 -9.08
CA LEU A 46 -42.10 42.16 -9.93
C LEU A 46 -41.68 41.69 -11.32
N GLY A 47 -40.91 40.60 -11.39
CA GLY A 47 -40.47 40.08 -12.67
C GLY A 47 -39.45 40.96 -13.39
N ILE A 48 -38.21 40.92 -12.93
CA ILE A 48 -37.13 41.66 -13.57
C ILE A 48 -35.99 40.73 -13.98
N THR A 49 -36.25 39.42 -14.02
CA THR A 49 -35.26 38.43 -14.43
C THR A 49 -35.56 37.96 -15.84
N ARG A 50 -34.50 37.50 -16.53
CA ARG A 50 -34.60 37.14 -17.94
C ARG A 50 -34.85 35.66 -18.18
N PHE A 51 -34.53 34.79 -17.24
CA PHE A 51 -34.78 33.37 -17.36
C PHE A 51 -35.58 32.81 -16.18
N PHE A 52 -35.18 33.15 -14.96
CA PHE A 52 -35.93 32.71 -13.80
C PHE A 52 -37.30 33.37 -13.75
N LYS A 53 -38.30 32.63 -13.31
CA LYS A 53 -39.66 33.13 -13.18
C LYS A 53 -39.91 33.51 -11.72
N GLU A 54 -40.10 34.79 -11.46
CA GLU A 54 -40.44 35.22 -10.11
C GLU A 54 -41.88 34.83 -9.79
N LEU A 55 -42.07 34.20 -8.63
CA LEU A 55 -43.40 33.81 -8.18
C LEU A 55 -43.96 34.73 -7.11
N GLY A 56 -43.11 35.56 -6.49
CA GLY A 56 -43.52 36.42 -5.41
C GLY A 56 -42.32 36.81 -4.58
N TYR A 57 -42.55 37.75 -3.67
CA TYR A 57 -41.48 38.19 -2.79
C TYR A 57 -42.06 38.61 -1.46
N LYS A 58 -41.19 38.70 -0.46
CA LYS A 58 -41.55 39.12 0.88
C LYS A 58 -40.51 40.10 1.39
N ILE A 59 -40.89 40.91 2.37
CA ILE A 59 -39.95 41.80 3.03
C ILE A 59 -39.06 40.99 3.94
N ALA A 60 -37.75 41.26 3.90
CA ALA A 60 -36.72 40.47 4.58
C ALA A 60 -37.07 40.08 6.01
N ARG A 72 -7.50 35.21 14.77
CA ARG A 72 -6.54 36.05 15.48
C ARG A 72 -5.16 35.40 15.50
N PHE A 73 -5.08 34.15 15.04
CA PHE A 73 -3.84 33.40 15.09
C PHE A 73 -3.09 33.44 13.76
N VAL A 74 -3.75 33.03 12.67
CA VAL A 74 -3.08 33.03 11.37
C VAL A 74 -2.91 34.45 10.85
N GLY A 75 -3.90 35.31 11.10
CA GLY A 75 -3.87 36.65 10.54
C GLY A 75 -2.71 37.47 11.07
N GLN A 76 -2.51 37.47 12.39
CA GLN A 76 -1.36 38.18 12.95
C GLN A 76 -0.05 37.57 12.48
N LEU A 77 0.00 36.24 12.37
CA LEU A 77 1.24 35.57 11.99
C LEU A 77 1.70 35.99 10.60
N ILE A 78 0.78 36.44 9.75
CA ILE A 78 1.10 36.82 8.38
C ILE A 78 1.00 38.31 8.15
N GLU A 79 0.58 39.09 9.15
CA GLU A 79 0.43 40.53 8.98
C GLU A 79 1.67 41.23 8.43
N PRO A 80 2.89 40.94 8.89
CA PRO A 80 4.07 41.59 8.29
C PRO A 80 4.28 41.24 6.81
N LEU A 81 3.59 40.24 6.28
CA LEU A 81 3.65 39.91 4.86
C LEU A 81 2.46 40.44 4.08
N ARG A 82 1.49 41.08 4.74
CA ARG A 82 0.22 41.40 4.10
C ARG A 82 0.41 42.37 2.94
N ARG A 83 1.32 43.33 3.08
CA ARG A 83 1.47 44.36 2.05
C ARG A 83 2.02 43.78 0.75
N VAL A 84 3.04 42.93 0.84
CA VAL A 84 3.56 42.29 -0.38
C VAL A 84 2.59 41.23 -0.89
N LEU A 85 1.70 40.73 -0.03
CA LEU A 85 0.70 39.76 -0.47
C LEU A 85 -0.47 40.44 -1.18
N GLU A 86 -0.78 41.69 -0.82
CA GLU A 86 -1.83 42.43 -1.50
C GLU A 86 -1.36 43.01 -2.83
N ARG A 87 -0.07 43.31 -2.94
CA ARG A 87 0.46 44.05 -4.09
C ARG A 87 0.94 43.14 -5.21
N HIS A 88 1.65 42.06 -4.89
CA HIS A 88 2.20 41.16 -5.89
C HIS A 88 1.54 39.80 -5.92
N HIS A 89 0.52 39.56 -5.09
CA HIS A 89 -0.15 38.27 -5.05
C HIS A 89 -1.65 38.50 -4.86
N LEU A 90 -2.38 37.39 -4.80
CA LEU A 90 -3.85 37.45 -4.76
C LEU A 90 -4.37 37.23 -3.34
N PHE A 91 -3.79 37.93 -2.37
CA PHE A 91 -4.33 37.91 -1.01
C PHE A 91 -5.73 38.51 -0.99
N GLY A 92 -5.90 39.67 -1.61
CA GLY A 92 -7.21 40.25 -1.78
C GLY A 92 -7.81 40.85 -0.53
N ALA A 93 -7.24 41.96 -0.06
CA ALA A 93 -7.94 42.77 0.92
C ALA A 93 -9.16 43.46 0.31
N TRP A 94 -9.32 43.38 -1.02
CA TRP A 94 -10.48 43.91 -1.71
C TRP A 94 -11.64 42.92 -1.64
N GLN A 95 -11.96 42.47 -0.44
CA GLN A 95 -13.15 41.68 -0.18
C GLN A 95 -14.21 42.62 0.38
N LEU A 96 -15.33 42.75 -0.32
CA LEU A 96 -16.39 43.68 0.08
C LEU A 96 -17.06 43.28 1.40
N THR A 97 -16.54 42.27 2.10
CA THR A 97 -17.06 41.79 3.37
C THR A 97 -18.55 41.47 3.26
N SER A 98 -19.39 42.42 3.64
CA SER A 98 -20.83 42.25 3.52
C SER A 98 -21.25 42.49 2.07
N THR A 99 -21.86 41.49 1.46
CA THR A 99 -22.47 41.64 0.13
C THR A 99 -23.88 42.18 0.33
N THR A 100 -24.10 43.42 -0.10
CA THR A 100 -25.41 44.05 0.08
C THR A 100 -26.46 43.29 -0.73
N PRO A 101 -27.72 43.34 -0.29
CA PRO A 101 -28.79 42.68 -1.07
C PRO A 101 -28.86 43.17 -2.51
N ARG A 102 -28.48 44.42 -2.78
CA ARG A 102 -28.41 44.89 -4.16
C ARG A 102 -27.33 44.14 -4.93
N ALA A 103 -26.15 43.96 -4.32
CA ALA A 103 -25.08 43.23 -4.99
C ALA A 103 -25.39 41.75 -5.11
N VAL A 104 -26.12 41.19 -4.13
CA VAL A 104 -26.52 39.78 -4.22
C VAL A 104 -27.38 39.55 -5.46
N PHE A 105 -28.37 40.42 -5.66
CA PHE A 105 -29.23 40.27 -6.83
C PHE A 105 -28.50 40.56 -8.13
N ASN A 106 -27.52 41.48 -8.11
CA ASN A 106 -26.76 41.78 -9.32
C ASN A 106 -25.92 40.60 -9.76
N ILE A 107 -25.30 39.90 -8.81
CA ILE A 107 -24.54 38.69 -9.13
C ILE A 107 -25.47 37.62 -9.67
N PHE A 108 -26.64 37.46 -9.05
CA PHE A 108 -27.62 36.48 -9.52
C PHE A 108 -28.03 36.77 -10.96
N ARG A 109 -28.26 38.05 -11.29
CA ARG A 109 -28.79 38.38 -12.60
C ARG A 109 -27.76 38.19 -13.70
N SER A 110 -26.48 38.28 -13.38
CA SER A 110 -25.46 38.17 -14.41
C SER A 110 -24.88 36.77 -14.54
N LYS A 111 -24.85 36.00 -13.46
CA LYS A 111 -24.24 34.68 -13.47
C LYS A 111 -25.25 33.53 -13.50
N VAL A 112 -26.37 33.63 -12.77
CA VAL A 112 -27.28 32.51 -12.62
C VAL A 112 -28.48 32.67 -13.55
N ASP A 113 -28.93 33.91 -13.76
CA ASP A 113 -30.14 34.18 -14.52
C ASP A 113 -29.84 34.12 -16.02
N ARG A 114 -29.56 32.91 -16.49
CA ARG A 114 -29.25 32.69 -17.90
C ARG A 114 -29.72 31.29 -18.30
N ALA A 115 -30.51 31.22 -19.35
CA ALA A 115 -31.16 29.97 -19.74
C ALA A 115 -30.14 28.94 -20.20
N PRO A 116 -30.13 27.74 -19.62
CA PRO A 116 -29.31 26.66 -20.20
C PRO A 116 -29.81 26.34 -21.60
N VAL A 117 -28.90 25.79 -22.41
CA VAL A 117 -29.25 25.35 -23.76
C VAL A 117 -29.84 23.95 -23.67
N GLU A 118 -31.14 23.83 -23.91
CA GLU A 118 -31.81 22.54 -23.82
C GLU A 118 -31.85 21.79 -25.14
N LEU A 119 -31.86 22.49 -26.26
CA LEU A 119 -32.11 21.88 -27.57
C LEU A 119 -30.80 21.72 -28.33
N HIS A 120 -30.38 20.47 -28.52
CA HIS A 120 -29.24 20.14 -29.35
C HIS A 120 -29.35 18.66 -29.69
N SER A 121 -28.46 18.19 -30.57
CA SER A 121 -28.60 16.89 -31.20
C SER A 121 -27.67 15.83 -30.60
N HIS A 122 -27.24 16.00 -29.35
CA HIS A 122 -26.20 15.15 -28.78
C HIS A 122 -26.70 14.20 -27.69
N TYR A 123 -27.98 14.22 -27.36
CA TYR A 123 -28.46 13.44 -26.22
C TYR A 123 -28.36 11.92 -26.45
N PRO A 124 -28.74 11.39 -27.62
CA PRO A 124 -28.57 9.93 -27.81
C PRO A 124 -27.12 9.47 -27.71
N GLY A 125 -26.18 10.27 -28.20
CA GLY A 125 -24.78 9.93 -28.01
C GLY A 125 -24.36 9.99 -26.55
N LEU A 126 -24.74 11.08 -25.87
CA LEU A 126 -24.40 11.20 -24.45
C LEU A 126 -25.07 10.11 -23.63
N LYS A 127 -26.33 9.79 -23.94
CA LYS A 127 -27.03 8.74 -23.20
C LYS A 127 -26.32 7.40 -23.34
N LYS A 128 -25.88 7.07 -24.56
CA LYS A 128 -25.17 5.81 -24.79
C LYS A 128 -23.93 5.72 -23.90
N MSE A 129 -23.26 6.83 -23.64
CA MSE A 129 -22.06 6.79 -22.82
C MSE A 129 -22.37 6.75 -21.32
O MSE A 129 -21.66 6.08 -20.57
CB MSE A 129 -21.16 7.98 -23.15
CG MSE A 129 -20.14 7.64 -24.21
SE MSE A 129 -18.96 9.12 -24.61
CE MSE A 129 -17.79 8.24 -25.89
N TYR A 130 -23.40 7.48 -20.89
CA TYR A 130 -23.91 7.30 -19.54
C TYR A 130 -24.25 5.83 -19.29
N ASP A 131 -24.92 5.21 -20.27
CA ASP A 131 -25.27 3.79 -20.15
C ASP A 131 -24.03 2.92 -20.07
N ILE A 132 -23.02 3.22 -20.89
CA ILE A 132 -21.79 2.42 -20.87
C ILE A 132 -21.11 2.53 -19.51
N LEU A 133 -20.93 3.75 -19.01
CA LEU A 133 -20.28 3.93 -17.72
C LEU A 133 -21.08 3.25 -16.61
N ALA A 134 -22.41 3.36 -16.66
CA ALA A 134 -23.23 2.70 -15.65
C ALA A 134 -23.07 1.19 -15.71
N ASP A 135 -22.95 0.65 -16.93
CA ASP A 135 -22.82 -0.80 -17.08
C ASP A 135 -21.47 -1.29 -16.58
N LEU A 136 -20.39 -0.56 -16.90
CA LEU A 136 -19.07 -0.93 -16.38
C LEU A 136 -19.06 -0.91 -14.86
N TRP A 137 -19.76 0.05 -14.24
CA TRP A 137 -19.75 0.16 -12.79
C TRP A 137 -20.53 -0.97 -12.13
N LEU A 138 -21.71 -1.28 -12.67
CA LEU A 138 -22.49 -2.40 -12.15
C LEU A 138 -21.75 -3.71 -12.33
N GLU A 139 -21.15 -3.90 -13.51
CA GLU A 139 -20.43 -5.14 -13.82
C GLU A 139 -19.29 -5.37 -12.84
N ARG A 140 -18.52 -4.32 -12.53
CA ARG A 140 -17.32 -4.48 -11.71
C ARG A 140 -17.58 -4.40 -10.22
N TYR A 141 -18.47 -3.50 -9.77
CA TYR A 141 -18.60 -3.21 -8.35
C TYR A 141 -20.02 -3.34 -7.81
N GLY A 142 -20.98 -3.78 -8.61
CA GLY A 142 -22.31 -4.02 -8.11
C GLY A 142 -23.13 -2.76 -7.95
N SER A 143 -24.32 -2.95 -7.37
CA SER A 143 -25.31 -1.89 -7.26
C SER A 143 -25.01 -0.95 -6.09
N MSE A 144 -25.61 0.23 -6.15
CA MSE A 144 -25.34 1.29 -5.18
C MSE A 144 -26.33 1.24 -4.01
O MSE A 144 -27.53 1.07 -4.20
CB MSE A 144 -25.42 2.66 -5.87
CG MSE A 144 -25.16 3.87 -4.97
SE MSE A 144 -24.83 5.52 -5.98
CE MSE A 144 -26.63 5.84 -6.65
N LYS A 145 -25.79 1.39 -2.80
CA LYS A 145 -26.59 1.37 -1.57
C LYS A 145 -26.71 2.77 -1.00
N ARG A 146 -27.78 3.00 -0.26
CA ARG A 146 -27.88 4.20 0.55
C ARG A 146 -26.73 4.25 1.55
N LEU A 147 -26.30 5.45 1.89
CA LEU A 147 -25.24 5.61 2.87
C LEU A 147 -25.72 5.12 4.24
N THR A 148 -24.76 4.70 5.06
CA THR A 148 -25.05 4.33 6.44
C THR A 148 -24.80 5.51 7.35
N GLU A 149 -25.24 5.37 8.61
CA GLU A 149 -25.15 6.47 9.55
C GLU A 149 -23.70 6.88 9.80
N ASP A 150 -22.80 5.90 9.89
CA ASP A 150 -21.39 6.23 10.10
C ASP A 150 -20.77 6.83 8.85
N GLU A 151 -21.16 6.34 7.67
CA GLU A 151 -20.72 6.97 6.43
C GLU A 151 -21.30 8.36 6.28
N MSE A 152 -22.54 8.55 6.72
CA MSE A 152 -23.14 9.88 6.74
C MSE A 152 -22.42 10.76 7.75
O MSE A 152 -22.21 11.94 7.49
CB MSE A 152 -24.62 9.81 7.08
CG MSE A 152 -25.52 9.61 5.89
SE MSE A 152 -27.29 9.04 6.45
CE MSE A 152 -28.00 10.77 7.02
N ALA A 153 -22.08 10.19 8.91
CA ALA A 153 -21.46 10.96 9.98
C ALA A 153 -20.10 11.52 9.58
N SER A 154 -19.39 10.85 8.68
CA SER A 154 -18.06 11.29 8.27
C SER A 154 -18.08 12.25 7.08
N ALA A 155 -19.25 12.65 6.59
CA ALA A 155 -19.34 13.46 5.38
C ALA A 155 -20.06 14.80 5.54
N ILE A 156 -20.74 15.04 6.66
CA ILE A 156 -21.47 16.29 6.80
C ILE A 156 -20.50 17.42 7.06
N ASN A 157 -20.87 18.61 6.60
CA ASN A 157 -20.26 19.86 7.06
C ASN A 157 -21.00 20.24 8.33
N ARG A 158 -20.38 19.96 9.48
CA ARG A 158 -21.03 20.27 10.75
C ARG A 158 -21.25 21.76 10.93
N ARG A 159 -20.53 22.59 10.18
CA ARG A 159 -20.77 24.03 10.16
C ARG A 159 -21.92 24.42 9.24
N GLY A 160 -22.61 23.45 8.64
CA GLY A 160 -23.63 23.76 7.66
C GLY A 160 -24.82 24.49 8.26
N ALA A 161 -25.50 25.26 7.41
CA ALA A 161 -26.65 26.03 7.83
C ALA A 161 -27.91 25.17 7.83
N MSE A 162 -28.88 25.59 8.64
CA MSE A 162 -30.11 24.83 8.83
C MSE A 162 -31.15 25.10 7.74
O MSE A 162 -31.94 24.22 7.39
CB MSE A 162 -30.72 25.14 10.20
CG MSE A 162 -29.89 24.66 11.38
SE MSE A 162 -29.67 22.72 11.45
CE MSE A 162 -31.55 22.20 11.31
N GLY A 163 -31.14 26.31 7.21
CA GLY A 163 -32.15 26.70 6.23
C GLY A 163 -33.32 27.41 6.88
N TYR A 164 -33.97 28.27 6.08
CA TYR A 164 -35.08 29.07 6.60
C TYR A 164 -36.18 28.19 7.17
N GLN A 165 -36.51 27.09 6.49
CA GLN A 165 -37.62 26.24 6.90
C GLN A 165 -37.38 25.52 8.22
N MSE A 166 -36.21 25.67 8.84
CA MSE A 166 -35.92 24.93 10.05
C MSE A 166 -35.15 25.75 11.10
O MSE A 166 -34.52 25.19 11.99
CB MSE A 166 -35.11 23.67 9.72
CG MSE A 166 -35.90 22.65 8.88
SE MSE A 166 -36.41 21.05 9.87
CE MSE A 166 -34.64 20.23 10.09
N ASP A 167 -35.23 27.08 10.99
CA ASP A 167 -34.64 27.93 12.03
C ASP A 167 -35.48 27.91 13.31
N ASN A 168 -36.79 27.73 13.18
CA ASN A 168 -37.66 27.75 14.35
C ASN A 168 -37.42 26.57 15.28
N ARG A 169 -36.77 25.52 14.81
CA ARG A 169 -36.45 24.37 15.65
C ARG A 169 -35.25 24.63 16.56
N ASN A 170 -34.48 25.69 16.30
CA ASN A 170 -33.47 26.27 17.19
C ASN A 170 -32.16 25.51 17.27
N TYR A 171 -31.88 24.57 16.37
CA TYR A 171 -30.56 23.95 16.36
C TYR A 171 -29.50 24.96 15.93
N GLY A 172 -28.28 24.74 16.39
CA GLY A 172 -27.19 25.64 16.09
C GLY A 172 -26.69 25.52 14.66
N ASP A 173 -26.48 24.28 14.22
CA ASP A 173 -25.98 24.02 12.88
C ASP A 173 -26.27 22.56 12.55
N LEU A 174 -25.58 22.03 11.55
CA LEU A 174 -25.81 20.66 11.12
C LEU A 174 -25.33 19.66 12.17
N GLY A 175 -24.12 19.86 12.68
CA GLY A 175 -23.57 18.95 13.67
C GLY A 175 -24.44 18.85 14.92
N ALA A 176 -24.93 19.99 15.40
CA ALA A 176 -25.82 19.98 16.55
C ALA A 176 -27.10 19.21 16.24
N TYR A 177 -27.73 19.51 15.11
CA TYR A 177 -28.95 18.82 14.70
C TYR A 177 -28.69 17.34 14.42
N TRP A 178 -27.48 17.00 13.98
CA TRP A 178 -27.12 15.60 13.80
C TRP A 178 -26.96 14.89 15.14
N ASP A 179 -26.27 15.53 16.08
CA ASP A 179 -26.02 14.91 17.38
C ASP A 179 -27.30 14.66 18.15
N SER A 180 -28.33 15.48 17.93
CA SER A 180 -29.59 15.29 18.63
C SER A 180 -30.35 14.08 18.14
N GLY A 181 -29.99 13.54 16.97
CA GLY A 181 -30.71 12.42 16.41
C GLY A 181 -32.13 12.71 15.94
N ASP A 182 -32.59 13.96 16.02
CA ASP A 182 -33.92 14.28 15.52
C ASP A 182 -34.01 14.17 14.00
N TRP A 183 -32.87 14.14 13.31
CA TRP A 183 -32.87 14.08 11.85
C TRP A 183 -33.46 12.77 11.32
N ARG A 184 -33.44 11.70 12.12
CA ARG A 184 -33.92 10.41 11.65
C ARG A 184 -35.39 10.49 11.21
N GLN A 185 -36.21 11.23 11.95
CA GLN A 185 -37.63 11.35 11.62
C GLN A 185 -37.89 12.42 10.57
N ASP A 186 -37.13 13.52 10.56
CA ASP A 186 -37.31 14.53 9.53
C ASP A 186 -36.95 13.99 8.16
N VAL A 187 -35.87 13.20 8.07
CA VAL A 187 -35.46 12.63 6.80
C VAL A 187 -36.53 11.68 6.27
N ASN A 188 -37.07 10.84 7.15
CA ASN A 188 -38.16 9.96 6.74
C ASN A 188 -39.40 10.77 6.36
N THR A 189 -39.70 11.81 7.14
CA THR A 189 -40.79 12.71 6.79
C THR A 189 -40.56 13.36 5.44
N PHE A 190 -39.34 13.87 5.22
CA PHE A 190 -39.00 14.45 3.92
C PHE A 190 -39.13 13.43 2.80
N LYS A 191 -38.68 12.19 3.04
CA LYS A 191 -38.75 11.15 2.02
C LYS A 191 -40.20 10.82 1.68
N ARG A 192 -41.07 10.73 2.69
CA ARG A 192 -42.46 10.39 2.43
C ARG A 192 -43.18 11.50 1.68
N ALA A 193 -42.87 12.76 2.00
CA ALA A 193 -43.48 13.88 1.30
C ALA A 193 -42.99 13.95 -0.15
N LEU A 194 -41.69 13.71 -0.36
CA LEU A 194 -41.13 13.73 -1.71
C LEU A 194 -41.78 12.67 -2.59
N LEU A 195 -41.88 11.44 -2.09
CA LEU A 195 -42.39 10.33 -2.90
C LEU A 195 -43.86 10.48 -3.23
N SER A 196 -44.61 11.28 -2.46
CA SER A 196 -46.01 11.54 -2.79
C SER A 196 -46.17 12.47 -3.98
N GLY A 197 -45.16 13.29 -4.28
CA GLY A 197 -45.25 14.29 -5.32
C GLY A 197 -45.34 15.71 -4.81
N THR A 198 -45.66 15.89 -3.53
CA THR A 198 -45.81 17.20 -2.90
C THR A 198 -44.78 17.30 -1.78
N PRO A 199 -43.55 17.67 -2.11
CA PRO A 199 -42.48 17.62 -1.10
C PRO A 199 -42.58 18.75 -0.09
N THR A 200 -42.01 18.50 1.08
CA THR A 200 -41.76 19.52 2.08
C THR A 200 -40.30 19.92 2.04
N HIS A 201 -40.04 21.19 2.31
CA HIS A 201 -38.67 21.72 2.42
C HIS A 201 -37.90 21.56 1.11
N ALA A 202 -38.58 21.83 -0.01
CA ALA A 202 -37.98 21.63 -1.33
C ALA A 202 -37.47 22.92 -1.95
N VAL A 203 -37.58 24.05 -1.27
CA VAL A 203 -37.20 25.35 -1.82
C VAL A 203 -35.78 25.68 -1.36
N TYR A 204 -34.92 26.06 -2.32
CA TYR A 204 -33.52 26.31 -2.03
C TYR A 204 -33.34 27.65 -1.30
N ASN A 205 -32.44 27.67 -0.34
CA ASN A 205 -31.96 28.88 0.29
C ASN A 205 -30.68 29.33 -0.40
N THR A 206 -30.35 30.61 -0.24
CA THR A 206 -29.18 31.16 -0.93
C THR A 206 -28.35 32.01 0.03
N THR A 207 -27.05 32.04 -0.24
CA THR A 207 -26.11 32.96 0.40
C THR A 207 -25.06 33.34 -0.63
N ALA A 208 -24.29 34.39 -0.31
CA ALA A 208 -23.22 34.84 -1.19
C ALA A 208 -21.86 34.72 -0.51
N ILE A 226 -23.26 32.92 -5.74
CA ILE A 226 -24.52 32.53 -5.12
C ILE A 226 -24.50 31.04 -4.78
N ILE A 227 -24.56 30.74 -3.49
CA ILE A 227 -24.58 29.37 -3.00
C ILE A 227 -26.03 28.97 -2.71
N GLN A 228 -26.45 27.85 -3.28
CA GLN A 228 -27.82 27.37 -3.14
C GLN A 228 -27.83 26.08 -2.32
N TYR A 229 -28.67 26.02 -1.30
CA TYR A 229 -28.74 24.84 -0.44
C TYR A 229 -30.16 24.64 0.07
N LEU A 230 -30.57 23.38 0.13
CA LEU A 230 -31.82 23.00 0.76
C LEU A 230 -31.66 23.02 2.29
N PRO A 231 -32.77 23.04 3.03
CA PRO A 231 -32.67 22.90 4.49
C PRO A 231 -32.03 21.58 4.88
N ALA A 232 -31.56 21.55 6.14
CA ALA A 232 -30.60 20.52 6.56
C ALA A 232 -31.19 19.12 6.54
N ASP A 233 -32.49 18.97 6.82
CA ASP A 233 -33.07 17.63 6.75
C ASP A 233 -33.10 17.12 5.32
N ALA A 234 -33.28 18.03 4.35
CA ALA A 234 -33.22 17.65 2.94
C ALA A 234 -31.81 17.26 2.52
N ARG A 235 -30.80 17.92 3.09
CA ARG A 235 -29.41 17.65 2.70
C ARG A 235 -28.90 16.33 3.24
N LEU A 236 -29.38 15.88 4.40
CA LEU A 236 -29.00 14.55 4.88
C LEU A 236 -29.68 13.46 4.07
N TYR A 237 -30.90 13.71 3.59
CA TYR A 237 -31.59 12.72 2.77
C TYR A 237 -30.86 12.52 1.44
N GLU A 238 -30.55 13.61 0.74
CA GLU A 238 -29.87 13.48 -0.54
C GLU A 238 -28.44 12.97 -0.36
N LEU A 239 -27.81 13.29 0.76
CA LEU A 239 -26.50 12.72 1.06
C LEU A 239 -26.61 11.21 1.30
N LYS A 240 -27.68 10.78 1.96
CA LYS A 240 -27.87 9.34 2.21
C LYS A 240 -28.22 8.61 0.91
N VAL A 241 -29.02 9.24 0.05
CA VAL A 241 -29.52 8.54 -1.13
C VAL A 241 -28.48 8.52 -2.24
N LEU A 242 -27.77 9.63 -2.46
CA LEU A 242 -26.83 9.74 -3.56
C LEU A 242 -25.37 9.75 -3.12
N GLY A 243 -25.09 9.65 -1.82
CA GLY A 243 -23.72 9.73 -1.34
C GLY A 243 -22.84 8.59 -1.81
N GLY A 244 -23.44 7.49 -2.28
CA GLY A 244 -22.65 6.36 -2.73
C GLY A 244 -21.94 6.56 -4.05
N LEU A 245 -22.27 7.63 -4.79
CA LEU A 245 -21.62 7.88 -6.07
C LEU A 245 -20.11 8.03 -5.92
N HIS A 246 -19.68 8.65 -4.81
CA HIS A 246 -18.25 8.84 -4.54
C HIS A 246 -17.50 7.52 -4.53
N LYS A 247 -18.16 6.44 -4.10
CA LYS A 247 -17.48 5.14 -4.02
C LYS A 247 -17.06 4.64 -5.41
N TYR A 248 -17.94 4.79 -6.40
CA TYR A 248 -17.57 4.42 -7.77
C TYR A 248 -16.42 5.29 -8.27
N LEU A 249 -16.43 6.57 -7.93
CA LEU A 249 -15.39 7.48 -8.40
C LEU A 249 -14.02 7.11 -7.82
N GLU A 250 -13.99 6.56 -6.61
CA GLU A 250 -12.74 6.09 -6.02
C GLU A 250 -12.13 4.95 -6.82
N LYS A 251 -12.89 4.32 -7.71
CA LYS A 251 -12.42 3.19 -8.49
C LYS A 251 -11.99 3.57 -9.90
N CYS A 252 -12.15 4.83 -10.30
CA CYS A 252 -11.92 5.24 -11.68
C CYS A 252 -10.61 5.99 -11.80
N GLY A 253 -9.77 5.57 -12.74
CA GLY A 253 -8.48 6.20 -12.96
C GLY A 253 -8.56 7.60 -13.53
N TRP A 254 -9.74 8.07 -13.88
CA TRP A 254 -9.93 9.44 -14.36
C TRP A 254 -10.53 10.35 -13.31
N SER A 255 -10.65 9.88 -12.07
CA SER A 255 -11.14 10.68 -10.95
C SER A 255 -10.11 10.68 -9.84
N VAL A 256 -10.10 11.74 -9.04
CA VAL A 256 -9.21 11.87 -7.90
C VAL A 256 -9.98 11.78 -6.58
N ALA A 257 -11.20 11.24 -6.62
CA ALA A 257 -12.03 11.16 -5.42
C ALA A 257 -11.34 10.34 -4.35
N GLY A 258 -11.27 10.90 -3.14
CA GLY A 258 -10.63 10.22 -2.04
C GLY A 258 -9.11 10.15 -2.11
N GLN A 259 -8.49 11.06 -2.85
CA GLN A 259 -7.04 11.17 -2.92
C GLN A 259 -6.62 12.54 -2.43
N GLY A 260 -5.52 12.60 -1.67
CA GLY A 260 -5.02 13.87 -1.22
C GLY A 260 -4.47 14.71 -2.36
N LEU A 261 -4.41 16.02 -2.11
CA LEU A 261 -3.84 16.93 -3.10
C LEU A 261 -2.39 16.59 -3.41
N TYR A 262 -1.69 15.95 -2.47
CA TYR A 262 -0.30 15.56 -2.66
C TYR A 262 -0.14 14.44 -3.68
N LYS A 263 -1.21 13.70 -3.98
CA LYS A 263 -1.17 12.65 -4.98
C LYS A 263 -1.44 13.15 -6.39
N TYR A 264 -1.99 14.36 -6.54
CA TYR A 264 -2.47 14.81 -7.84
C TYR A 264 -1.34 14.97 -8.85
N GLY A 265 -0.22 15.56 -8.43
CA GLY A 265 0.84 15.89 -9.37
C GLY A 265 1.41 14.68 -10.10
N ASP A 266 1.60 13.57 -9.37
CA ASP A 266 2.12 12.37 -10.01
C ASP A 266 1.11 11.78 -10.98
N ARG A 267 -0.18 11.89 -10.67
CA ARG A 267 -1.22 11.46 -11.60
C ARG A 267 -1.17 12.29 -12.89
N VAL A 268 -0.86 13.58 -12.76
CA VAL A 268 -0.73 14.43 -13.94
C VAL A 268 0.51 14.04 -14.74
N LYS A 269 1.64 13.85 -14.04
CA LYS A 269 2.85 13.40 -14.70
C LYS A 269 2.65 12.03 -15.34
N LYS A 270 1.96 11.13 -14.64
CA LYS A 270 1.72 9.79 -15.17
C LYS A 270 0.90 9.85 -16.46
N SER A 271 -0.22 10.59 -16.43
CA SER A 271 -1.06 10.68 -17.61
C SER A 271 -0.34 11.40 -18.75
N MSE A 272 0.48 12.39 -18.43
CA MSE A 272 1.22 13.15 -19.44
C MSE A 272 2.30 12.30 -20.10
O MSE A 272 2.56 12.43 -21.30
CB MSE A 272 1.84 14.40 -18.81
CG MSE A 272 2.44 15.39 -19.82
SE MSE A 272 1.17 15.98 -21.17
CE MSE A 272 1.98 17.68 -21.66
N ASP A 273 2.93 11.42 -19.30
CA ASP A 273 3.98 10.56 -19.85
C ASP A 273 3.43 9.59 -20.88
N ALA A 274 2.18 9.14 -20.72
CA ALA A 274 1.56 8.21 -21.64
C ALA A 274 0.90 8.90 -22.82
N THR A 275 1.00 10.23 -22.93
CA THR A 275 0.35 10.94 -24.01
C THR A 275 1.29 11.95 -24.66
N GLY A 276 1.58 13.05 -23.94
CA GLY A 276 2.49 14.06 -24.43
C GLY A 276 1.85 15.41 -24.71
N ALA A 277 0.52 15.49 -24.75
CA ALA A 277 -0.17 16.76 -24.96
C ALA A 277 -1.38 16.81 -24.05
N ALA A 278 -1.69 18.01 -23.55
CA ALA A 278 -2.79 18.18 -22.62
C ALA A 278 -3.61 19.40 -23.02
N ILE A 279 -4.91 19.32 -22.78
CA ILE A 279 -5.83 20.43 -23.03
C ILE A 279 -6.66 20.63 -21.77
N SER A 280 -6.49 21.78 -21.12
CA SER A 280 -7.14 22.09 -19.85
C SER A 280 -7.97 23.36 -20.05
N GLU A 281 -9.26 23.21 -20.26
CA GLU A 281 -10.15 24.33 -20.56
C GLU A 281 -11.22 24.42 -19.48
N ASP A 282 -11.33 25.59 -18.87
CA ASP A 282 -12.39 25.86 -17.90
C ASP A 282 -13.62 26.39 -18.61
N VAL A 283 -14.79 26.02 -18.10
CA VAL A 283 -16.07 26.49 -18.62
C VAL A 283 -16.59 27.58 -17.69
N ALA A 284 -17.09 28.66 -18.28
CA ALA A 284 -17.58 29.79 -17.48
C ALA A 284 -18.89 29.42 -16.81
N GLY A 285 -18.90 29.47 -15.48
CA GLY A 285 -20.12 29.22 -14.72
C GLY A 285 -20.74 27.88 -15.04
N TRP A 286 -19.95 26.82 -14.88
CA TRP A 286 -20.36 25.48 -15.30
C TRP A 286 -21.70 25.08 -14.69
N ASP A 287 -21.85 25.30 -13.38
CA ASP A 287 -23.08 24.94 -12.69
C ASP A 287 -24.30 25.56 -13.38
N THR A 288 -24.18 26.81 -13.81
CA THR A 288 -25.30 27.54 -14.41
C THR A 288 -25.64 27.05 -15.81
N LYS A 289 -24.79 26.24 -16.43
CA LYS A 289 -24.99 25.84 -17.82
C LYS A 289 -25.51 24.42 -17.99
N ILE A 290 -25.50 23.60 -16.94
CA ILE A 290 -26.04 22.25 -17.05
C ILE A 290 -27.53 22.34 -17.36
N SER A 291 -27.98 21.53 -18.32
CA SER A 291 -29.35 21.58 -18.78
C SER A 291 -30.23 20.61 -18.00
N LYS A 292 -31.54 20.82 -18.08
CA LYS A 292 -32.48 19.81 -17.60
C LYS A 292 -32.32 18.51 -18.37
N GLY A 293 -31.93 18.60 -19.64
CA GLY A 293 -31.70 17.39 -20.41
C GLY A 293 -30.56 16.55 -19.84
N LEU A 294 -29.46 17.21 -19.47
CA LEU A 294 -28.34 16.48 -18.87
C LEU A 294 -28.72 15.92 -17.50
N LEU A 295 -29.47 16.69 -16.71
CA LEU A 295 -29.98 16.16 -15.44
C LEU A 295 -30.84 14.92 -15.66
N THR A 296 -31.60 14.89 -16.75
CA THR A 296 -32.40 13.71 -17.07
C THR A 296 -31.51 12.51 -17.32
N LEU A 297 -30.42 12.69 -18.07
CA LEU A 297 -29.45 11.61 -18.26
C LEU A 297 -28.75 11.26 -16.95
N GLU A 298 -28.52 12.25 -16.09
CA GLU A 298 -27.96 11.99 -14.77
C GLU A 298 -28.90 11.11 -13.94
N SER A 299 -30.16 11.52 -13.85
CA SER A 299 -31.14 10.72 -13.13
C SER A 299 -31.26 9.33 -13.72
N HIS A 300 -31.28 9.24 -15.05
CA HIS A 300 -31.43 7.94 -15.72
C HIS A 300 -30.27 7.01 -15.36
N MSE A 301 -29.05 7.54 -15.29
CA MSE A 301 -27.91 6.71 -14.96
C MSE A 301 -27.92 6.27 -13.50
O MSE A 301 -27.61 5.13 -13.17
CB MSE A 301 -26.60 7.45 -15.26
CG MSE A 301 -25.37 6.64 -14.88
SE MSE A 301 -23.74 7.70 -14.88
CE MSE A 301 -22.57 6.43 -14.00
N PHE A 302 -28.29 7.21 -12.62
CA PHE A 302 -28.20 6.94 -11.20
C PHE A 302 -29.30 5.98 -10.75
N THR A 303 -30.50 6.10 -11.32
CA THR A 303 -31.54 5.11 -11.05
C THR A 303 -31.11 3.73 -11.53
N LYS A 304 -30.35 3.67 -12.62
CA LYS A 304 -29.82 2.41 -13.12
C LYS A 304 -28.82 1.78 -12.17
N LEU A 305 -28.16 2.59 -11.34
CA LEU A 305 -27.25 2.08 -10.31
C LEU A 305 -27.95 1.73 -9.02
N ALA A 306 -29.21 2.16 -8.83
CA ALA A 306 -29.92 1.89 -7.58
C ALA A 306 -30.10 0.39 -7.39
N GLU A 307 -29.96 -0.06 -6.14
CA GLU A 307 -29.96 -1.49 -5.85
C GLU A 307 -31.37 -2.08 -5.83
N ASP A 308 -32.38 -1.32 -5.41
CA ASP A 308 -33.76 -1.78 -5.41
C ASP A 308 -34.63 -0.76 -6.13
N GLU A 309 -35.90 -1.14 -6.33
CA GLU A 309 -36.81 -0.30 -7.14
C GLU A 309 -37.18 0.98 -6.40
N GLU A 310 -37.41 0.90 -5.10
CA GLU A 310 -37.82 2.09 -4.35
C GLU A 310 -36.71 3.14 -4.33
N MSE A 311 -35.46 2.71 -4.16
CA MSE A 311 -34.33 3.63 -4.15
C MSE A 311 -34.23 4.37 -5.49
O MSE A 311 -33.85 5.54 -5.52
CB MSE A 311 -33.02 2.88 -3.86
CG MSE A 311 -31.77 3.74 -3.95
SE MSE A 311 -30.15 2.80 -3.41
CE MSE A 311 -28.83 4.06 -4.12
N ALA A 312 -34.57 3.67 -6.57
CA ALA A 312 -34.60 4.32 -7.88
C ALA A 312 -35.68 5.39 -7.95
N ARG A 313 -36.84 5.14 -7.34
CA ARG A 313 -37.89 6.15 -7.31
C ARG A 313 -37.49 7.34 -6.44
N GLU A 314 -36.72 7.09 -5.38
CA GLU A 314 -36.21 8.19 -4.55
C GLU A 314 -35.26 9.07 -5.35
N ILE A 315 -34.31 8.44 -6.05
CA ILE A 315 -33.35 9.18 -6.88
C ILE A 315 -34.09 9.98 -7.94
N HIS A 316 -35.04 9.34 -8.62
CA HIS A 316 -35.81 10.02 -9.65
C HIS A 316 -36.55 11.22 -9.09
N HIS A 317 -37.17 11.06 -7.92
CA HIS A 317 -37.93 12.17 -7.34
C HIS A 317 -37.01 13.30 -6.86
N LEU A 318 -35.79 12.97 -6.42
CA LEU A 318 -34.82 14.01 -6.10
C LEU A 318 -34.50 14.84 -7.34
N TYR A 319 -34.48 14.21 -8.52
CA TYR A 319 -34.12 14.92 -9.73
C TYR A 319 -35.31 15.65 -10.34
N ARG A 320 -36.53 15.20 -10.06
CA ARG A 320 -37.70 16.02 -10.37
C ARG A 320 -37.62 17.35 -9.63
N LEU A 321 -37.12 17.32 -8.39
CA LEU A 321 -36.85 18.55 -7.64
C LEU A 321 -35.74 19.36 -8.31
N TYR A 322 -34.61 18.71 -8.59
CA TYR A 322 -33.42 19.42 -9.07
C TYR A 322 -33.69 20.13 -10.39
N ALA A 323 -34.34 19.45 -11.34
CA ALA A 323 -34.59 20.02 -12.66
C ALA A 323 -35.58 21.17 -12.63
N ASP A 324 -36.25 21.39 -11.51
CA ASP A 324 -37.26 22.44 -11.36
C ASP A 324 -36.95 23.25 -10.11
N PRO A 325 -35.79 23.93 -10.08
CA PRO A 325 -35.32 24.52 -8.81
C PRO A 325 -36.08 25.78 -8.45
N HIS A 326 -36.54 25.83 -7.21
CA HIS A 326 -37.14 27.04 -6.62
C HIS A 326 -36.19 27.56 -5.56
N MSE A 327 -35.88 28.85 -5.62
CA MSE A 327 -34.94 29.43 -4.66
C MSE A 327 -35.32 30.84 -4.24
O MSE A 327 -36.02 31.55 -4.94
CB MSE A 327 -33.52 29.42 -5.25
CG MSE A 327 -33.29 30.41 -6.37
SE MSE A 327 -31.65 30.02 -7.36
CE MSE A 327 -32.03 28.17 -7.85
N VAL A 328 -34.84 31.22 -3.06
CA VAL A 328 -35.10 32.53 -2.47
C VAL A 328 -33.80 33.32 -2.49
N VAL A 329 -33.80 34.45 -3.21
CA VAL A 329 -32.63 35.30 -3.36
C VAL A 329 -33.02 36.72 -2.97
N GLN A 330 -32.12 37.39 -2.24
CA GLN A 330 -32.41 38.73 -1.74
C GLN A 330 -32.17 39.78 -2.82
N ARG A 331 -32.96 40.85 -2.76
CA ARG A 331 -32.80 42.04 -3.58
C ARG A 331 -32.96 43.26 -2.68
N GLU A 332 -32.80 44.44 -3.27
CA GLU A 332 -33.05 45.69 -2.57
C GLU A 332 -33.57 46.70 -3.58
N ILE A 333 -34.76 47.24 -3.33
CA ILE A 333 -35.38 48.22 -4.21
C ILE A 333 -35.94 49.34 -3.36
N GLU A 334 -35.48 50.57 -3.64
CA GLU A 334 -35.94 51.77 -2.92
C GLU A 334 -35.65 51.68 -1.43
N GLY A 335 -34.55 51.04 -1.06
CA GLY A 335 -34.19 50.89 0.35
C GLY A 335 -34.89 49.76 1.07
N GLU A 336 -35.63 48.94 0.36
CA GLU A 336 -36.44 47.88 0.94
C GLU A 336 -35.88 46.53 0.52
N VAL A 337 -35.54 45.69 1.50
CA VAL A 337 -34.96 44.38 1.24
C VAL A 337 -36.07 43.37 1.04
N HIS A 338 -35.98 42.59 -0.03
CA HIS A 338 -36.95 41.53 -0.32
C HIS A 338 -36.25 40.18 -0.30
N ASP A 339 -37.02 39.15 0.09
CA ASP A 339 -36.68 37.76 -0.19
C ASP A 339 -37.53 37.32 -1.38
N VAL A 340 -36.89 37.01 -2.49
CA VAL A 340 -37.56 36.82 -3.77
C VAL A 340 -37.58 35.34 -4.12
N LEU A 341 -38.77 34.81 -4.39
CA LEU A 341 -38.94 33.42 -4.80
C LEU A 341 -38.92 33.34 -6.32
N LEU A 342 -37.97 32.57 -6.85
CA LEU A 342 -37.79 32.46 -8.29
C LEU A 342 -37.75 30.99 -8.70
N ARG A 343 -38.33 30.70 -9.86
CA ARG A 343 -38.36 29.35 -10.42
C ARG A 343 -37.51 29.31 -11.68
N GLY A 344 -36.61 28.33 -11.75
CA GLY A 344 -35.81 28.13 -12.94
C GLY A 344 -36.08 26.78 -13.57
N ARG A 345 -35.23 26.35 -14.49
CA ARG A 345 -35.37 25.05 -15.12
C ARG A 345 -34.00 24.41 -15.24
N GLY A 346 -33.74 23.42 -14.40
CA GLY A 346 -32.60 22.54 -14.55
C GLY A 346 -31.22 23.17 -14.65
N GLN A 347 -30.69 23.65 -13.52
CA GLN A 347 -29.26 23.93 -13.43
C GLN A 347 -28.66 23.05 -12.33
N VAL A 348 -27.52 23.44 -11.77
CA VAL A 348 -26.87 22.68 -10.72
C VAL A 348 -26.66 23.58 -9.51
N SER A 349 -27.07 23.11 -8.34
CA SER A 349 -27.06 23.90 -7.12
C SER A 349 -25.74 23.73 -6.37
N SER A 350 -25.28 24.82 -5.74
CA SER A 350 -23.96 24.83 -5.12
C SER A 350 -23.91 23.90 -3.92
N GLY A 351 -24.85 24.03 -2.99
CA GLY A 351 -24.76 23.33 -1.72
C GLY A 351 -25.55 22.05 -1.58
N ARG A 352 -25.41 21.15 -2.55
CA ARG A 352 -25.83 19.76 -2.39
C ARG A 352 -24.57 18.90 -2.40
N GLN A 353 -24.44 18.03 -1.40
CA GLN A 353 -23.26 17.17 -1.33
C GLN A 353 -23.09 16.26 -2.54
N PRO A 354 -24.15 15.73 -3.17
CA PRO A 354 -23.94 14.95 -4.40
C PRO A 354 -23.43 15.75 -5.60
N THR A 355 -23.48 17.08 -5.56
CA THR A 355 -23.10 17.87 -6.74
C THR A 355 -21.71 17.50 -7.23
N TYR A 356 -20.74 17.38 -6.31
CA TYR A 356 -19.38 17.08 -6.73
C TYR A 356 -19.32 15.79 -7.54
N ALA A 357 -19.88 14.71 -6.98
CA ALA A 357 -19.88 13.43 -7.69
C ALA A 357 -20.69 13.53 -8.98
N ALA A 358 -21.84 14.22 -8.93
CA ALA A 358 -22.67 14.35 -10.11
C ALA A 358 -22.00 15.21 -11.18
N ASN A 359 -21.40 16.33 -10.79
CA ASN A 359 -20.68 17.17 -11.76
C ASN A 359 -19.49 16.43 -12.33
N THR A 360 -18.78 15.65 -11.50
CA THR A 360 -17.61 14.93 -11.97
C THR A 360 -17.99 13.91 -13.05
N ILE A 361 -19.08 13.19 -12.83
CA ILE A 361 -19.50 12.17 -13.80
C ILE A 361 -19.93 12.84 -15.11
N THR A 362 -20.73 13.90 -15.01
CA THR A 362 -21.24 14.56 -16.22
C THR A 362 -20.13 15.27 -16.98
N ASN A 363 -19.16 15.86 -16.27
CA ASN A 363 -18.01 16.45 -16.96
C ASN A 363 -17.21 15.38 -17.69
N PHE A 364 -17.05 14.21 -17.08
CA PHE A 364 -16.33 13.13 -17.74
C PHE A 364 -17.07 12.67 -19.00
N ILE A 365 -18.38 12.46 -18.89
CA ILE A 365 -19.15 11.95 -20.02
C ILE A 365 -19.12 12.96 -21.18
N THR A 366 -19.50 14.20 -20.90
CA THR A 366 -19.57 15.21 -21.95
C THR A 366 -18.20 15.45 -22.59
N THR A 367 -17.12 15.37 -21.80
CA THR A 367 -15.79 15.56 -22.37
C THR A 367 -15.39 14.37 -23.23
N THR A 368 -15.58 13.15 -22.71
CA THR A 368 -15.29 11.97 -23.51
C THR A 368 -16.17 11.89 -24.75
N TYR A 369 -17.40 12.36 -24.66
CA TYR A 369 -18.28 12.35 -25.83
C TYR A 369 -17.77 13.30 -26.91
N GLY A 370 -17.59 14.57 -26.55
CA GLY A 370 -17.06 15.53 -27.51
C GLY A 370 -15.71 15.11 -28.06
N MSE A 371 -14.87 14.51 -27.23
CA MSE A 371 -13.57 14.01 -27.67
C MSE A 371 -13.75 12.87 -28.66
O MSE A 371 -13.13 12.86 -29.71
CB MSE A 371 -12.74 13.57 -26.45
CG MSE A 371 -11.41 12.94 -26.79
SE MSE A 371 -10.98 11.45 -25.61
CE MSE A 371 -11.33 10.00 -26.86
N ALA A 372 -14.62 11.91 -28.31
CA ALA A 372 -14.84 10.78 -29.20
C ALA A 372 -15.46 11.21 -30.53
N MSE A 373 -16.36 12.18 -30.48
CA MSE A 373 -17.00 12.68 -31.70
C MSE A 373 -16.00 13.42 -32.59
O MSE A 373 -15.99 13.24 -33.80
CB MSE A 373 -18.16 13.62 -31.36
CG MSE A 373 -19.43 12.95 -30.86
SE MSE A 373 -20.03 11.46 -31.97
CE MSE A 373 -21.79 12.13 -32.47
N THR A 374 -15.15 14.22 -31.96
CA THR A 374 -14.17 15.02 -32.72
C THR A 374 -13.10 14.15 -33.34
N LEU A 375 -12.67 13.10 -32.63
CA LEU A 375 -11.62 12.22 -33.14
C LEU A 375 -12.16 11.10 -34.02
N GLY A 376 -13.48 11.04 -34.23
CA GLY A 376 -14.03 10.03 -35.12
C GLY A 376 -13.96 8.63 -34.58
N ILE A 377 -14.04 8.47 -33.26
CA ILE A 377 -14.02 7.13 -32.67
C ILE A 377 -15.38 6.48 -32.86
N PRO A 378 -15.44 5.29 -33.44
CA PRO A 378 -16.74 4.65 -33.71
C PRO A 378 -17.47 4.30 -32.42
N GLU A 379 -18.81 4.31 -32.50
CA GLU A 379 -19.63 3.96 -31.35
C GLU A 379 -19.30 2.58 -30.82
N ALA A 380 -18.86 1.66 -31.69
CA ALA A 380 -18.60 0.29 -31.26
C ALA A 380 -17.39 0.22 -30.33
N ASP A 381 -16.47 1.17 -30.43
CA ASP A 381 -15.31 1.20 -29.58
C ASP A 381 -15.52 2.05 -28.33
N TRP A 382 -16.68 2.68 -28.18
CA TRP A 382 -16.93 3.48 -26.98
C TRP A 382 -16.88 2.67 -25.68
N PRO A 383 -17.37 1.42 -25.61
CA PRO A 383 -17.17 0.66 -24.37
C PRO A 383 -15.71 0.46 -24.02
N ARG A 384 -14.87 0.09 -25.00
CA ARG A 384 -13.45 -0.03 -24.75
C ARG A 384 -12.83 1.31 -24.37
N LEU A 385 -13.37 2.41 -24.92
CA LEU A 385 -12.82 3.73 -24.64
C LEU A 385 -13.04 4.13 -23.18
N ILE A 386 -14.25 3.92 -22.66
CA ILE A 386 -14.54 4.26 -21.28
C ILE A 386 -13.80 3.32 -20.34
N ARG A 387 -13.80 2.03 -20.66
CA ARG A 387 -13.02 1.05 -19.91
C ARG A 387 -11.56 1.47 -19.80
N ASN A 388 -10.95 1.83 -20.94
CA ASN A 388 -9.53 2.17 -20.94
C ASN A 388 -9.26 3.44 -20.14
N LEU A 389 -10.11 4.46 -20.32
CA LEU A 389 -9.95 5.68 -19.53
C LEU A 389 -10.08 5.39 -18.04
N THR A 390 -11.02 4.51 -17.66
CA THR A 390 -11.19 4.15 -16.27
C THR A 390 -9.96 3.41 -15.75
N ASP A 391 -9.34 2.60 -16.58
CA ASP A 391 -8.23 1.77 -16.17
C ASP A 391 -6.88 2.40 -16.46
N GLU A 392 -6.87 3.59 -17.03
CA GLU A 392 -5.63 4.29 -17.38
C GLU A 392 -4.80 3.46 -18.35
N ARG A 393 -5.45 2.92 -19.39
CA ARG A 393 -4.71 2.27 -20.44
C ARG A 393 -4.94 3.01 -21.75
N GLY A 394 -4.04 2.76 -22.69
CA GLY A 394 -4.06 3.45 -23.96
C GLY A 394 -3.36 4.78 -23.85
N ASN A 395 -3.42 5.53 -24.94
CA ASN A 395 -2.74 6.83 -25.03
C ASN A 395 -3.72 8.00 -25.04
N ARG A 396 -4.79 7.87 -24.25
CA ARG A 396 -5.68 8.99 -23.95
C ARG A 396 -6.08 8.89 -22.49
N ARG A 397 -5.91 9.99 -21.75
CA ARG A 397 -6.24 10.01 -20.33
C ARG A 397 -7.03 11.25 -19.99
N LEU A 398 -7.88 11.13 -18.98
CA LEU A 398 -8.63 12.25 -18.43
C LEU A 398 -8.41 12.30 -16.93
N LEU A 399 -8.43 13.52 -16.39
CA LEU A 399 -8.53 13.73 -14.94
C LEU A 399 -9.64 14.74 -14.72
N VAL A 400 -10.62 14.36 -13.89
CA VAL A 400 -11.85 15.12 -13.74
C VAL A 400 -12.14 15.29 -12.25
N SER A 401 -12.48 16.51 -11.86
CA SER A 401 -12.91 16.80 -10.49
C SER A 401 -13.90 17.95 -10.55
N GLY A 402 -15.17 17.65 -10.32
CA GLY A 402 -16.18 18.68 -10.48
C GLY A 402 -16.22 19.19 -11.90
N ASP A 403 -16.18 20.51 -12.06
CA ASP A 403 -16.11 21.13 -13.37
C ASP A 403 -14.68 21.29 -13.88
N ASP A 404 -13.70 20.76 -13.17
CA ASP A 404 -12.30 20.85 -13.53
C ASP A 404 -11.88 19.57 -14.26
N LYS A 405 -11.17 19.71 -15.37
CA LYS A 405 -10.79 18.54 -16.14
C LYS A 405 -9.55 18.84 -16.97
N VAL A 406 -8.75 17.79 -17.18
CA VAL A 406 -7.59 17.84 -18.07
C VAL A 406 -7.68 16.64 -19.01
N LEU A 407 -7.59 16.90 -20.30
CA LEU A 407 -7.62 15.85 -21.32
C LEU A 407 -6.21 15.63 -21.85
N PHE A 408 -5.74 14.38 -21.78
CA PHE A 408 -4.42 14.02 -22.25
C PHE A 408 -4.55 13.22 -23.55
N LEU A 409 -3.79 13.62 -24.56
CA LEU A 409 -3.82 12.96 -25.86
C LEU A 409 -2.42 12.95 -26.45
N ARG A 410 -2.24 12.14 -27.49
CA ARG A 410 -1.03 12.22 -28.29
C ARG A 410 -1.04 13.50 -29.12
N GLY A 411 0.14 13.85 -29.64
CA GLY A 411 0.26 15.11 -30.36
C GLY A 411 -0.68 15.24 -31.54
N ASP A 412 -0.89 14.15 -32.28
CA ASP A 412 -1.73 14.22 -33.47
C ASP A 412 -3.20 14.38 -33.10
N GLU A 413 -3.68 13.61 -32.14
CA GLU A 413 -5.07 13.72 -31.72
C GLU A 413 -5.34 14.99 -30.93
N ALA A 414 -4.33 15.57 -30.32
CA ALA A 414 -4.51 16.87 -29.65
C ALA A 414 -4.77 17.97 -30.67
N ARG A 415 -4.03 17.96 -31.78
CA ARG A 415 -4.26 18.96 -32.82
C ARG A 415 -5.65 18.81 -33.43
N VAL A 416 -6.09 17.57 -33.64
CA VAL A 416 -7.44 17.34 -34.16
C VAL A 416 -8.48 17.84 -33.16
N TYR A 417 -8.32 17.47 -31.88
CA TYR A 417 -9.25 17.94 -30.85
C TYR A 417 -9.23 19.45 -30.74
N ALA A 418 -8.04 20.06 -30.73
CA ALA A 418 -7.95 21.49 -30.52
C ALA A 418 -8.66 22.28 -31.61
N SER A 419 -8.74 21.73 -32.82
CA SER A 419 -9.25 22.49 -33.95
C SER A 419 -10.77 22.57 -34.01
N SER A 420 -11.48 21.65 -33.36
CA SER A 420 -12.92 21.58 -33.61
C SER A 420 -13.76 21.02 -32.46
N ALA A 421 -13.13 20.50 -31.41
CA ALA A 421 -13.90 19.90 -30.34
C ALA A 421 -14.83 20.90 -29.66
N TYR A 422 -14.47 22.19 -29.68
CA TYR A 422 -15.31 23.23 -29.09
C TYR A 422 -16.68 23.32 -29.74
N ARG A 423 -16.81 22.86 -30.99
CA ARG A 423 -18.10 22.92 -31.67
C ARG A 423 -19.17 22.14 -30.91
N THR A 424 -18.80 20.99 -30.36
CA THR A 424 -19.77 20.13 -29.69
C THR A 424 -20.13 20.66 -28.30
N SER A 425 -19.14 21.14 -27.54
CA SER A 425 -19.45 21.73 -26.25
C SER A 425 -20.20 23.04 -26.40
N ASN A 426 -19.97 23.77 -27.50
CA ASN A 426 -20.72 24.99 -27.74
C ASN A 426 -22.18 24.70 -28.04
N ASP A 427 -22.45 23.59 -28.74
CA ASP A 427 -23.84 23.20 -28.99
C ASP A 427 -24.61 23.03 -27.70
N MSE A 428 -23.98 22.45 -26.68
CA MSE A 428 -24.64 22.21 -25.41
C MSE A 428 -24.59 23.42 -24.49
O MSE A 428 -25.08 23.38 -23.37
CB MSE A 428 -24.00 21.01 -24.70
CG MSE A 428 -23.88 19.76 -25.54
SE MSE A 428 -23.10 18.29 -24.51
CE MSE A 428 -22.02 17.47 -25.88
N GLY A 429 -23.98 24.51 -24.97
CA GLY A 429 -23.84 25.70 -24.17
C GLY A 429 -22.74 25.66 -23.13
N LEU A 430 -21.85 24.67 -23.19
CA LEU A 430 -20.73 24.60 -22.26
C LEU A 430 -19.58 25.46 -22.80
N VAL A 431 -19.83 26.77 -22.80
CA VAL A 431 -18.92 27.73 -23.40
C VAL A 431 -17.67 27.85 -22.54
N ARG A 432 -16.50 27.84 -23.19
CA ARG A 432 -15.23 27.93 -22.49
C ARG A 432 -14.98 29.36 -22.01
N LYS A 433 -14.40 29.49 -20.82
CA LYS A 433 -14.24 30.78 -20.18
C LYS A 433 -13.05 31.55 -20.76
N ASP A 434 -13.23 32.86 -20.93
CA ASP A 434 -12.18 33.80 -21.31
C ASP A 434 -11.60 33.50 -22.69
N MSE A 435 -12.33 32.77 -23.51
CA MSE A 435 -11.92 32.51 -24.87
C MSE A 435 -13.02 32.94 -25.82
O MSE A 435 -14.20 32.97 -25.44
CB MSE A 435 -11.60 31.04 -25.11
CG MSE A 435 -10.56 30.45 -24.18
SE MSE A 435 -10.37 28.53 -24.48
CE MSE A 435 -10.11 28.58 -26.41
N ALA A 436 -12.64 33.29 -27.04
CA ALA A 436 -13.64 33.47 -28.08
C ALA A 436 -14.33 32.14 -28.36
N LEU A 437 -15.56 32.24 -28.89
CA LEU A 437 -16.40 31.05 -29.05
C LEU A 437 -15.67 29.94 -29.79
N GLU A 438 -15.00 30.27 -30.90
CA GLU A 438 -14.43 29.28 -31.80
C GLU A 438 -12.92 29.37 -31.87
N GLN A 439 -12.29 29.86 -30.81
CA GLN A 439 -10.84 29.81 -30.72
C GLN A 439 -10.37 28.38 -30.52
N GLU A 440 -9.30 28.02 -31.22
CA GLU A 440 -8.73 26.68 -31.09
C GLU A 440 -8.12 26.51 -29.70
N SER A 441 -8.18 25.29 -29.19
CA SER A 441 -7.67 25.01 -27.86
C SER A 441 -6.17 25.23 -27.80
N GLU A 442 -5.69 25.72 -26.66
CA GLU A 442 -4.25 25.72 -26.40
C GLU A 442 -3.81 24.31 -26.04
N ILE A 443 -2.73 23.86 -26.69
CA ILE A 443 -2.18 22.54 -26.46
C ILE A 443 -0.96 22.68 -25.56
N ILE A 444 -1.01 22.04 -24.40
CA ILE A 444 0.06 22.12 -23.40
C ILE A 444 1.00 20.95 -23.60
N VAL A 445 2.30 21.24 -23.66
CA VAL A 445 3.32 20.21 -23.84
C VAL A 445 4.30 20.14 -22.68
N ASP A 446 4.16 21.00 -21.68
CA ASP A 446 5.04 21.04 -20.52
C ASP A 446 4.19 20.74 -19.29
N VAL A 447 4.53 19.65 -18.59
CA VAL A 447 3.67 19.16 -17.51
C VAL A 447 3.55 20.17 -16.39
N LYS A 448 4.53 21.07 -16.25
CA LYS A 448 4.45 22.08 -15.19
C LYS A 448 3.46 23.19 -15.52
N GLU A 449 2.95 23.26 -16.75
CA GLU A 449 1.98 24.26 -17.15
C GLU A 449 0.54 23.79 -17.00
N ILE A 450 0.32 22.54 -16.64
CA ILE A 450 -1.04 21.99 -16.57
C ILE A 450 -1.68 22.39 -15.24
N SER A 451 -2.74 23.18 -15.33
CA SER A 451 -3.50 23.57 -14.16
C SER A 451 -4.68 22.63 -13.96
N PHE A 452 -4.87 22.17 -12.72
CA PHE A 452 -5.93 21.24 -12.39
C PHE A 452 -6.20 21.37 -10.90
N CYS A 453 -7.49 21.48 -10.54
CA CYS A 453 -7.88 21.72 -9.15
C CYS A 453 -7.21 22.98 -8.60
N SER A 454 -7.13 24.00 -9.45
CA SER A 454 -6.60 25.34 -9.13
C SER A 454 -5.12 25.34 -8.78
N HIS A 455 -4.39 24.27 -9.11
CA HIS A 455 -2.96 24.20 -8.85
C HIS A 455 -2.21 23.82 -10.11
N ARG A 456 -0.95 24.25 -10.19
CA ARG A 456 0.02 23.65 -11.07
C ARG A 456 0.92 22.72 -10.26
N TYR A 457 1.71 21.90 -10.95
CA TYR A 457 2.44 20.83 -10.29
C TYR A 457 3.88 20.82 -10.75
N TRP A 458 4.81 20.92 -9.80
CA TRP A 458 6.23 21.02 -10.03
C TRP A 458 6.98 19.87 -9.37
N PRO A 459 8.11 19.45 -9.93
CA PRO A 459 8.86 18.33 -9.33
C PRO A 459 9.59 18.77 -8.07
N VAL A 460 9.41 18.00 -6.99
CA VAL A 460 10.08 18.25 -5.72
C VAL A 460 10.83 16.98 -5.33
N LYS A 461 12.10 17.13 -4.96
CA LYS A 461 12.94 15.97 -4.64
C LYS A 461 12.67 15.49 -3.22
N TYR A 462 12.47 14.18 -3.08
CA TYR A 462 12.28 13.53 -1.77
C TYR A 462 13.31 12.40 -1.70
N GLY A 463 14.48 12.70 -1.15
CA GLY A 463 15.57 11.74 -1.18
C GLY A 463 16.11 11.58 -2.58
N ASN A 464 16.01 10.37 -3.13
CA ASN A 464 16.34 10.13 -4.53
C ASN A 464 15.08 10.00 -5.39
N GLU A 465 13.91 10.25 -4.82
CA GLU A 465 12.65 10.23 -5.54
C GLU A 465 12.26 11.65 -5.93
N ILE A 466 11.50 11.75 -7.01
CA ILE A 466 10.89 13.01 -7.43
C ILE A 466 9.38 12.82 -7.46
N HIS A 467 8.66 13.72 -6.80
CA HIS A 467 7.20 13.72 -6.78
C HIS A 467 6.71 15.13 -7.09
N TYR A 468 5.67 15.21 -7.92
CA TYR A 468 5.13 16.50 -8.35
C TYR A 468 4.16 17.02 -7.29
N MSE A 469 4.38 18.27 -6.88
CA MSE A 469 3.65 18.84 -5.75
C MSE A 469 2.98 20.15 -6.14
O MSE A 469 3.46 20.88 -7.01
CB MSE A 469 4.60 19.03 -4.57
CG MSE A 469 5.15 17.72 -4.01
SE MSE A 469 3.78 16.55 -3.25
CE MSE A 469 3.47 17.52 -1.59
N PRO A 470 1.85 20.47 -5.49
CA PRO A 470 1.01 21.57 -5.97
C PRO A 470 1.61 22.94 -5.66
N VAL A 471 1.45 23.86 -6.60
CA VAL A 471 1.80 25.26 -6.41
C VAL A 471 0.65 26.12 -6.94
N ARG A 472 0.26 27.11 -6.14
CA ARG A 472 -0.62 28.19 -6.59
C ARG A 472 -0.11 29.46 -5.94
N ASP A 473 -0.74 30.58 -6.28
CA ASP A 473 -0.34 31.86 -5.69
C ASP A 473 -0.45 31.79 -4.17
N VAL A 474 0.65 32.10 -3.48
CA VAL A 474 0.69 31.95 -2.03
C VAL A 474 -0.24 32.94 -1.34
N GLY A 475 -0.66 33.99 -2.03
CA GLY A 475 -1.72 34.82 -1.49
C GLY A 475 -3.02 34.06 -1.31
N GLU A 476 -3.33 33.17 -2.26
CA GLU A 476 -4.54 32.38 -2.18
C GLU A 476 -4.44 31.32 -1.08
N ILE A 477 -3.30 30.63 -1.01
CA ILE A 477 -3.09 29.66 0.06
C ILE A 477 -3.23 30.33 1.43
N PHE A 478 -2.55 31.48 1.59
CA PHE A 478 -2.60 32.20 2.86
C PHE A 478 -3.98 32.77 3.13
N ALA A 479 -4.69 33.19 2.07
CA ALA A 479 -6.04 33.73 2.26
C ALA A 479 -7.00 32.65 2.75
N LYS A 480 -6.95 31.47 2.13
CA LYS A 480 -7.74 30.33 2.61
C LYS A 480 -7.38 29.99 4.05
N ALA A 481 -6.08 30.00 4.38
CA ALA A 481 -5.62 29.55 5.69
C ALA A 481 -6.07 30.46 6.82
N THR A 482 -6.50 31.67 6.52
CA THR A 482 -6.83 32.65 7.55
C THR A 482 -8.28 33.12 7.53
N MSE A 483 -8.96 33.09 6.39
CA MSE A 483 -10.41 33.33 6.37
C MSE A 483 -11.20 32.07 5.98
O MSE A 483 -11.80 31.40 6.83
CB MSE A 483 -10.77 34.47 5.40
CG MSE A 483 -10.67 35.89 5.95
SE MSE A 483 -8.95 36.71 5.67
CE MSE A 483 -8.82 36.39 3.76
N ALA A 484 -11.19 31.81 4.67
CA ALA A 484 -11.93 30.72 4.04
C ALA A 484 -11.81 29.39 4.78
N THR A 493 -12.30 27.64 19.59
CA THR A 493 -12.30 26.84 18.37
C THR A 493 -11.58 27.55 17.24
N GLN A 494 -11.34 28.86 17.43
CA GLN A 494 -10.53 29.60 16.47
C GLN A 494 -9.08 29.18 16.54
N GLU A 495 -8.58 28.93 17.75
CA GLU A 495 -7.27 28.32 17.90
C GLU A 495 -7.28 26.86 17.44
N ALA A 496 -8.41 26.17 17.64
CA ALA A 496 -8.54 24.81 17.12
C ALA A 496 -8.53 24.81 15.60
N TRP A 497 -9.35 25.65 14.98
CA TRP A 497 -9.41 25.72 13.52
C TRP A 497 -8.10 26.20 12.92
N ALA A 498 -7.36 27.05 13.64
CA ALA A 498 -6.07 27.51 13.14
C ALA A 498 -5.07 26.37 13.09
N ARG A 499 -5.07 25.50 14.11
CA ARG A 499 -4.10 24.41 14.16
C ARG A 499 -4.32 23.39 13.05
N VAL A 500 -5.56 23.28 12.57
CA VAL A 500 -5.84 22.40 11.44
C VAL A 500 -5.18 22.94 10.18
N GLN A 501 -5.29 24.25 9.97
CA GLN A 501 -4.65 24.88 8.81
C GLN A 501 -3.14 24.66 8.86
N GLY A 502 -2.54 24.75 10.05
CA GLY A 502 -1.12 24.47 10.17
C GLY A 502 -0.78 23.02 9.83
N LEU A 503 -1.60 22.09 10.31
CA LEU A 503 -1.42 20.69 9.95
C LEU A 503 -1.66 20.48 8.45
N ASN A 504 -2.72 21.10 7.92
CA ASN A 504 -3.00 21.03 6.50
C ASN A 504 -1.82 21.53 5.67
N MSE A 505 -1.34 22.73 5.98
CA MSE A 505 -0.29 23.39 5.20
C MSE A 505 1.05 22.67 5.26
O MSE A 505 1.81 22.69 4.28
CB MSE A 505 -0.12 24.83 5.69
CG MSE A 505 0.83 25.67 4.85
SE MSE A 505 0.71 27.52 5.41
CE MSE A 505 -1.18 27.76 5.00
N LEU A 506 1.37 22.07 6.40
CA LEU A 506 2.63 21.34 6.50
C LEU A 506 2.62 20.10 5.62
N VAL A 507 1.52 19.36 5.62
CA VAL A 507 1.45 18.13 4.83
C VAL A 507 1.42 18.46 3.34
N ASN A 508 0.66 19.48 2.95
CA ASN A 508 0.39 19.73 1.54
C ASN A 508 1.34 20.73 0.89
N TYR A 509 1.87 21.69 1.65
CA TYR A 509 2.63 22.80 1.07
C TYR A 509 4.01 22.94 1.70
N HIS A 510 4.61 21.84 2.16
CA HIS A 510 5.91 21.91 2.81
C HIS A 510 7.03 22.29 1.85
N HIS A 511 6.85 22.02 0.55
CA HIS A 511 7.88 22.35 -0.43
C HIS A 511 7.96 23.83 -0.74
N ILE A 512 6.93 24.61 -0.40
CA ILE A 512 6.98 26.05 -0.49
C ILE A 512 7.52 26.58 0.84
N PRO A 513 8.73 27.16 0.87
CA PRO A 513 9.33 27.53 2.16
C PRO A 513 8.46 28.38 3.05
N GLU A 514 7.88 29.46 2.51
CA GLU A 514 7.02 30.32 3.34
C GLU A 514 5.81 29.56 3.86
N CYS A 515 5.36 28.54 3.14
CA CYS A 515 4.24 27.75 3.62
C CYS A 515 4.67 26.82 4.75
N ARG A 516 5.89 26.29 4.69
CA ARG A 516 6.37 25.46 5.78
C ARG A 516 6.58 26.29 7.04
N MSE A 517 7.09 27.50 6.91
CA MSE A 517 7.33 28.35 8.07
C MSE A 517 6.08 28.88 8.71
O MSE A 517 6.02 28.99 9.94
CB MSE A 517 8.24 29.50 7.69
CG MSE A 517 9.47 29.08 6.96
SE MSE A 517 10.25 30.55 6.00
CE MSE A 517 10.16 31.85 7.45
N LEU A 518 5.08 29.24 7.91
CA LEU A 518 3.80 29.63 8.48
C LEU A 518 3.15 28.44 9.17
N ALA A 519 3.22 27.26 8.55
CA ALA A 519 2.72 26.04 9.17
C ALA A 519 3.43 25.75 10.48
N LEU A 520 4.77 25.79 10.49
CA LEU A 520 5.50 25.59 11.73
C LEU A 520 5.22 26.70 12.73
N ALA A 521 4.97 27.92 12.26
CA ALA A 521 4.61 29.00 13.17
C ALA A 521 3.21 28.78 13.75
N ILE A 522 2.27 28.33 12.92
CA ILE A 522 0.93 28.02 13.42
C ILE A 522 1.00 26.93 14.48
N LEU A 523 1.83 25.92 14.25
CA LEU A 523 1.92 24.81 15.19
C LEU A 523 2.60 25.22 16.49
N SER A 524 3.51 26.19 16.44
CA SER A 524 4.17 26.67 17.64
C SER A 524 3.28 27.57 18.48
N VAL A 525 2.24 28.16 17.88
CA VAL A 525 1.42 29.13 18.59
C VAL A 525 0.08 28.55 19.04
N THR A 526 -0.36 27.43 18.48
CA THR A 526 -1.58 26.76 18.92
C THR A 526 -1.26 25.71 19.96
N ARG A 527 -2.11 25.60 20.98
CA ARG A 527 -1.79 24.77 22.13
C ARG A 527 -2.05 23.29 21.83
N ILE A 528 -1.39 22.44 22.61
CA ILE A 528 -1.53 20.99 22.49
C ILE A 528 -2.83 20.55 23.16
N GLY A 529 -3.43 19.49 22.64
CA GLY A 529 -4.55 18.84 23.31
C GLY A 529 -5.92 19.37 22.96
N LEU A 530 -6.08 20.03 21.82
CA LEU A 530 -7.38 20.59 21.44
C LEU A 530 -8.23 19.57 20.68
N TRP A 545 -6.13 11.88 10.34
CA TRP A 545 -4.85 11.33 9.94
C TRP A 545 -3.69 12.19 10.41
N LEU A 546 -3.99 13.45 10.76
CA LEU A 546 -2.98 14.41 11.16
C LEU A 546 -3.27 14.88 12.58
N ARG A 547 -2.29 14.76 13.46
CA ARG A 547 -2.47 14.84 14.90
C ARG A 547 -1.48 15.82 15.51
N ASP A 548 -1.54 15.98 16.83
CA ASP A 548 -0.50 16.73 17.53
C ASP A 548 0.86 16.09 17.33
N ASP A 549 0.91 14.76 17.32
CA ASP A 549 2.13 13.99 17.08
C ASP A 549 2.43 13.86 15.58
N LEU A 550 2.19 14.92 14.80
CA LEU A 550 2.45 14.84 13.37
C LEU A 550 3.93 15.04 13.11
N ALA A 551 4.55 14.02 12.54
CA ALA A 551 5.99 13.98 12.28
C ALA A 551 6.23 13.70 10.81
N PRO A 552 7.45 13.92 10.32
CA PRO A 552 7.74 13.63 8.91
C PRO A 552 7.38 12.22 8.46
N ASP A 553 7.53 11.22 9.33
CA ASP A 553 7.19 9.85 8.94
C ASP A 553 5.75 9.76 8.46
N THR A 554 4.84 10.52 9.07
CA THR A 554 3.47 10.56 8.60
C THR A 554 3.38 11.14 7.20
N ILE A 555 4.21 12.14 6.90
CA ILE A 555 4.16 12.78 5.59
C ILE A 555 4.82 11.91 4.52
N HIS A 556 5.97 11.31 4.85
CA HIS A 556 6.66 10.46 3.88
C HIS A 556 5.82 9.24 3.49
N ALA A 557 4.99 8.74 4.41
CA ALA A 557 4.12 7.62 4.09
C ALA A 557 3.08 8.01 3.06
N LEU A 558 2.58 9.25 3.13
CA LEU A 558 1.59 9.71 2.16
C LEU A 558 2.20 9.89 0.77
N ILE A 559 3.48 10.26 0.71
CA ILE A 559 4.12 10.65 -0.54
C ILE A 559 4.90 9.51 -1.16
N THR A 560 5.75 8.85 -0.37
CA THR A 560 6.66 7.82 -0.87
C THR A 560 6.44 6.47 -0.19
N GLU A 561 5.28 6.26 0.45
CA GLU A 561 4.96 5.01 1.15
C GLU A 561 6.03 4.64 2.18
N GLY A 562 6.74 5.64 2.69
CA GLY A 562 7.76 5.41 3.70
C GLY A 562 9.14 5.08 3.18
N ARG A 563 9.39 5.23 1.89
CA ARG A 563 10.73 5.01 1.35
C ARG A 563 11.68 6.17 1.68
N THR A 564 11.16 7.25 2.26
CA THR A 564 11.96 8.37 2.71
C THR A 564 11.57 8.69 4.16
N SER A 565 12.37 9.55 4.80
CA SER A 565 12.17 9.78 6.22
C SER A 565 12.92 11.03 6.66
N GLY A 566 12.46 11.63 7.74
CA GLY A 566 13.14 12.72 8.40
C GLY A 566 12.81 14.08 7.81
N TRP A 567 13.00 15.10 8.64
CA TRP A 567 12.86 16.49 8.18
C TRP A 567 13.82 16.82 7.05
N ASP A 568 14.93 16.09 6.93
CA ASP A 568 15.94 16.38 5.92
C ASP A 568 15.52 15.98 4.53
N GLN A 569 14.61 15.02 4.39
CA GLN A 569 14.23 14.49 3.09
C GLN A 569 12.89 15.02 2.60
N LEU A 570 12.37 16.07 3.24
CA LEU A 570 11.22 16.81 2.73
C LEU A 570 11.74 17.98 1.91
N GLY A 571 11.65 17.86 0.58
CA GLY A 571 12.29 18.79 -0.31
C GLY A 571 11.57 20.13 -0.44
N TYR A 572 12.22 21.03 -1.18
CA TYR A 572 11.70 22.35 -1.49
C TYR A 572 11.67 22.54 -3.00
N VAL A 573 10.96 23.58 -3.43
CA VAL A 573 11.05 24.00 -4.82
C VAL A 573 12.40 24.68 -5.04
N ASP A 574 12.87 24.66 -6.29
CA ASP A 574 14.11 25.33 -6.64
C ASP A 574 14.06 26.80 -6.23
N PHE A 575 15.20 27.33 -5.81
CA PHE A 575 15.25 28.74 -5.42
C PHE A 575 14.92 29.65 -6.59
N LYS A 576 15.27 29.25 -7.82
CA LYS A 576 15.07 30.10 -8.97
C LYS A 576 13.59 30.38 -9.24
N ASP A 577 12.70 29.46 -8.83
CA ASP A 577 11.29 29.55 -9.14
C ASP A 577 10.46 30.13 -7.99
N ARG A 578 11.11 30.57 -6.91
CA ARG A 578 10.40 31.25 -5.83
C ARG A 578 10.10 32.70 -6.25
N LYS A 579 9.29 32.81 -7.28
CA LYS A 579 8.87 34.07 -7.86
C LYS A 579 7.45 33.89 -8.39
N GLY A 580 6.90 34.96 -8.96
CA GLY A 580 5.57 34.89 -9.56
C GLY A 580 4.49 34.50 -8.57
N ILE A 581 4.12 33.22 -8.54
CA ILE A 581 3.04 32.79 -7.65
C ILE A 581 3.53 32.66 -6.21
N LEU A 582 4.80 32.34 -6.00
CA LEU A 582 5.36 32.23 -4.66
C LEU A 582 6.06 33.54 -4.27
N LEU A 583 6.34 33.65 -2.97
CA LEU A 583 7.03 34.83 -2.45
C LEU A 583 8.45 34.89 -2.97
N ARG A 584 8.84 36.04 -3.51
CA ARG A 584 10.26 36.27 -3.76
C ARG A 584 10.94 36.54 -2.42
N PRO A 585 12.06 35.88 -2.13
CA PRO A 585 12.67 36.05 -0.79
C PRO A 585 13.36 37.40 -0.66
N ASP A 586 12.63 38.40 -0.19
CA ASP A 586 13.09 39.78 -0.16
C ASP A 586 13.16 40.28 1.28
N THR A 587 13.37 41.60 1.41
CA THR A 587 13.55 42.20 2.73
C THR A 587 12.32 42.01 3.61
N SER A 588 11.13 42.16 3.03
CA SER A 588 9.91 41.92 3.79
C SER A 588 9.81 40.46 4.21
N TYR A 589 10.27 39.55 3.35
CA TYR A 589 10.27 38.13 3.71
C TYR A 589 11.33 37.84 4.77
N LYS A 590 12.53 38.40 4.61
CA LYS A 590 13.60 38.14 5.58
C LYS A 590 13.25 38.69 6.95
N ASN A 591 12.61 39.86 7.00
CA ASN A 591 12.25 40.44 8.29
C ASN A 591 11.08 39.68 8.93
N TRP A 592 10.15 39.19 8.11
CA TRP A 592 9.12 38.29 8.61
C TRP A 592 9.73 37.07 9.26
N ARG A 593 10.67 36.43 8.57
CA ARG A 593 11.33 35.24 9.10
C ARG A 593 12.14 35.57 10.35
N ARG A 594 12.87 36.68 10.33
CA ARG A 594 13.67 37.06 11.47
C ARG A 594 12.80 37.31 12.71
N ASP A 595 11.66 37.97 12.53
CA ASP A 595 10.78 38.30 13.64
C ASP A 595 9.85 37.15 14.04
N LEU A 596 9.83 36.07 13.27
CA LEU A 596 8.82 35.03 13.48
C LEU A 596 8.91 34.38 14.86
N PRO A 597 10.08 33.93 15.34
CA PRO A 597 10.11 33.35 16.70
C PRO A 597 9.67 34.34 17.76
N GLY A 598 10.08 35.61 17.65
CA GLY A 598 9.58 36.61 18.58
C GLY A 598 8.08 36.75 18.52
N LYS A 599 7.50 36.61 17.32
CA LYS A 599 6.06 36.79 17.17
C LYS A 599 5.29 35.57 17.67
N VAL A 600 5.89 34.38 17.68
CA VAL A 600 5.14 33.23 18.19
C VAL A 600 5.01 33.31 19.71
N ARG A 601 5.94 33.99 20.39
CA ARG A 601 5.89 34.03 21.85
C ARG A 601 4.85 35.02 22.36
N GLN A 602 4.62 36.14 21.66
CA GLN A 602 3.72 37.17 22.16
C GLN A 602 2.25 36.76 22.05
N LEU A 603 1.90 35.86 21.12
CA LEU A 603 0.53 35.38 20.94
C LEU A 603 0.21 34.17 21.80
N ARG A 604 1.22 33.43 22.26
CA ARG A 604 0.97 32.25 23.09
C ARG A 604 0.27 32.65 24.38
N GLU A 605 -0.76 31.88 24.75
CA GLU A 605 -1.51 32.14 25.97
C GLU A 605 -1.80 30.82 26.68
N ASP A 606 -1.45 30.76 27.96
CA ASP A 606 -2.14 29.86 28.89
C ASP A 606 -1.81 28.38 28.67
N GLY A 607 -1.99 27.87 27.46
CA GLY A 607 -1.80 26.45 27.22
C GLY A 607 -0.33 26.04 27.23
N GLN A 608 -0.11 24.78 26.86
CA GLN A 608 1.24 24.25 26.65
C GLN A 608 1.55 24.21 25.17
N TYR A 609 2.81 24.48 24.83
CA TYR A 609 3.20 24.64 23.43
C TYR A 609 4.52 23.95 23.18
N LYS A 610 4.84 23.82 21.89
CA LYS A 610 6.09 23.22 21.43
C LYS A 610 6.70 24.11 20.35
N ASP A 611 8.03 24.11 20.29
CA ASP A 611 8.77 24.89 19.30
C ASP A 611 8.89 24.07 18.02
N TRP A 612 8.36 24.60 16.92
CA TRP A 612 8.38 23.91 15.63
C TRP A 612 9.33 24.53 14.62
N LEU A 613 9.54 25.84 14.67
CA LEU A 613 10.38 26.51 13.68
C LEU A 613 11.81 26.01 13.67
N GLN A 614 12.21 25.26 14.70
CA GLN A 614 13.58 24.77 14.76
C GLN A 614 13.85 23.71 13.70
N ARG A 615 12.80 23.13 13.13
CA ARG A 615 12.92 22.18 12.03
C ARG A 615 13.12 22.92 10.72
N THR B 12 15.99 -32.94 37.24
CA THR B 12 16.18 -31.53 37.51
C THR B 12 17.38 -31.00 36.75
N PRO B 13 17.15 -30.33 35.62
CA PRO B 13 18.27 -29.85 34.80
C PRO B 13 19.03 -28.75 35.52
N GLU B 14 20.37 -28.86 35.48
CA GLU B 14 21.26 -27.86 36.04
C GLU B 14 22.08 -27.28 34.90
N TRP B 15 21.79 -26.03 34.54
CA TRP B 15 22.51 -25.38 33.46
C TRP B 15 23.93 -25.03 33.88
N THR B 16 24.83 -25.01 32.91
CA THR B 16 26.16 -24.49 33.16
C THR B 16 26.08 -22.99 33.45
N ALA B 17 27.18 -22.43 33.92
CA ALA B 17 27.26 -20.99 34.05
C ALA B 17 27.14 -20.35 32.67
N GLU B 18 26.55 -19.16 32.64
CA GLU B 18 26.53 -18.39 31.41
C GLU B 18 27.93 -17.91 31.08
N ALA B 19 28.06 -17.32 29.90
CA ALA B 19 29.28 -16.64 29.53
C ALA B 19 29.08 -15.14 29.72
N VAL B 20 30.10 -14.49 30.27
CA VAL B 20 30.10 -13.03 30.41
C VAL B 20 31.00 -12.48 29.32
N ILE B 21 30.40 -11.84 28.33
CA ILE B 21 31.12 -11.32 27.18
C ILE B 21 31.36 -9.83 27.39
N GLU B 22 32.63 -9.42 27.30
CA GLU B 22 32.99 -8.04 27.55
C GLU B 22 32.51 -7.14 26.42
N GLY B 23 31.99 -5.98 26.77
CA GLY B 23 31.55 -4.98 25.81
C GLY B 23 30.15 -5.16 25.29
N CYS B 24 29.40 -6.15 25.78
CA CYS B 24 28.08 -6.48 25.26
C CYS B 24 27.04 -6.39 26.37
N ALA B 25 25.90 -5.80 26.04
CA ALA B 25 24.79 -5.77 26.97
C ALA B 25 24.27 -7.18 27.19
N PRO B 26 24.22 -7.68 28.42
CA PRO B 26 23.74 -9.04 28.64
C PRO B 26 22.25 -9.17 28.36
N LEU B 27 21.86 -10.36 27.89
CA LEU B 27 20.46 -10.64 27.58
C LEU B 27 19.75 -11.22 28.80
N THR B 28 19.63 -10.39 29.83
CA THR B 28 19.01 -10.82 31.08
C THR B 28 17.54 -11.15 30.82
N PRO B 29 17.03 -12.23 31.42
CA PRO B 29 15.67 -12.68 31.10
C PRO B 29 14.62 -11.61 31.42
N LEU B 30 13.50 -11.69 30.70
CA LEU B 30 12.37 -10.80 30.90
C LEU B 30 11.39 -11.38 31.91
N ASN B 31 10.62 -10.50 32.52
CA ASN B 31 9.52 -10.94 33.38
C ASN B 31 8.51 -11.69 32.52
N MSE B 32 8.48 -13.01 32.64
CA MSE B 32 7.65 -13.84 31.77
C MSE B 32 6.32 -14.22 32.41
O MSE B 32 5.59 -15.05 31.87
CB MSE B 32 8.42 -15.10 31.37
CG MSE B 32 9.54 -14.85 30.37
SE MSE B 32 8.89 -14.15 28.66
CE MSE B 32 8.14 -15.80 27.94
N THR B 33 6.01 -13.60 33.56
CA THR B 33 4.83 -14.00 34.32
C THR B 33 3.55 -13.83 33.50
N ARG B 34 3.36 -12.65 32.89
CA ARG B 34 2.14 -12.41 32.14
C ARG B 34 2.02 -13.32 30.93
N SER B 35 3.13 -13.53 30.21
CA SER B 35 3.08 -14.38 29.02
C SER B 35 2.91 -15.85 29.39
N ILE B 36 3.51 -16.28 30.50
CA ILE B 36 3.31 -17.65 30.97
C ILE B 36 1.86 -17.87 31.36
N ALA B 37 1.24 -16.87 31.99
CA ALA B 37 -0.14 -17.00 32.42
C ALA B 37 -1.12 -17.05 31.25
N GLU B 38 -0.69 -16.63 30.06
CA GLU B 38 -1.56 -16.69 28.89
C GLU B 38 -1.69 -18.10 28.33
N MSE B 39 -0.93 -19.07 28.83
CA MSE B 39 -0.96 -20.42 28.30
C MSE B 39 -1.93 -21.32 29.06
O MSE B 39 -2.24 -22.42 28.60
CB MSE B 39 0.45 -21.02 28.30
CG MSE B 39 1.49 -20.23 27.53
SE MSE B 39 0.81 -19.52 25.83
CE MSE B 39 1.08 -21.07 24.69
N HIS B 40 -2.39 -20.86 30.21
CA HIS B 40 -3.43 -21.53 31.00
C HIS B 40 -2.96 -22.91 31.46
N MSE B 41 -1.85 -22.92 32.20
CA MSE B 41 -1.28 -24.16 32.71
C MSE B 41 -2.02 -24.60 33.97
O MSE B 41 -2.43 -23.78 34.79
CB MSE B 41 0.21 -23.98 33.00
CG MSE B 41 1.07 -23.83 31.74
SE MSE B 41 1.04 -25.41 30.60
CE MSE B 41 0.28 -24.64 28.99
N GLU B 42 -2.21 -25.92 34.11
CA GLU B 42 -3.05 -26.47 35.16
C GLU B 42 -2.32 -27.35 36.18
N HIS B 43 -1.19 -27.96 35.82
CA HIS B 43 -0.64 -29.01 36.65
C HIS B 43 0.87 -28.83 36.82
N PRO B 44 1.41 -29.26 37.95
CA PRO B 44 2.85 -29.09 38.22
C PRO B 44 3.69 -29.88 37.23
N PRO B 45 4.96 -29.50 37.07
CA PRO B 45 5.80 -30.12 36.03
C PRO B 45 6.15 -31.56 36.35
N LEU B 46 6.20 -32.39 35.30
CA LEU B 46 6.71 -33.75 35.44
C LEU B 46 8.24 -33.77 35.49
N GLY B 47 8.88 -32.99 34.63
CA GLY B 47 10.34 -32.89 34.63
C GLY B 47 11.03 -34.14 34.12
N ILE B 48 10.97 -34.38 32.82
CA ILE B 48 11.62 -35.54 32.22
C ILE B 48 12.50 -35.08 31.06
N THR B 49 12.85 -33.79 31.05
CA THR B 49 13.74 -33.24 30.05
C THR B 49 15.12 -33.02 30.64
N ARG B 50 16.16 -33.25 29.82
CA ARG B 50 17.54 -33.18 30.29
C ARG B 50 18.09 -31.77 30.31
N PHE B 51 17.56 -30.86 29.49
CA PHE B 51 18.09 -29.51 29.39
C PHE B 51 16.99 -28.49 29.65
N PHE B 52 15.89 -28.62 28.92
CA PHE B 52 14.75 -27.73 29.12
C PHE B 52 14.15 -27.92 30.52
N LYS B 53 13.66 -26.83 31.09
CA LYS B 53 13.01 -26.87 32.39
C LYS B 53 11.51 -26.78 32.20
N GLU B 54 10.81 -27.85 32.57
CA GLU B 54 9.35 -27.84 32.53
C GLU B 54 8.79 -26.97 33.64
N LEU B 55 7.88 -26.07 33.28
CA LEU B 55 7.23 -25.20 34.24
C LEU B 55 5.82 -25.66 34.61
N GLY B 56 5.16 -26.37 33.70
CA GLY B 56 3.82 -26.88 33.96
C GLY B 56 3.28 -27.49 32.69
N TYR B 57 2.12 -28.14 32.83
CA TYR B 57 1.46 -28.71 31.67
C TYR B 57 -0.05 -28.63 31.87
N LYS B 58 -0.77 -28.84 30.77
CA LYS B 58 -2.23 -28.82 30.77
C LYS B 58 -2.71 -29.91 29.81
N ILE B 59 -3.99 -30.22 29.90
CA ILE B 59 -4.59 -31.31 29.12
C ILE B 59 -5.11 -30.77 27.80
N ALA B 60 -4.69 -31.40 26.70
CA ALA B 60 -5.26 -31.22 25.36
C ALA B 60 -5.76 -29.82 25.04
N PHE B 73 -3.99 -32.04 -8.22
CA PHE B 73 -3.47 -31.65 -9.53
C PHE B 73 -2.08 -32.20 -9.76
N VAL B 74 -1.10 -31.68 -9.02
CA VAL B 74 0.27 -32.15 -9.16
C VAL B 74 0.36 -33.63 -8.76
N GLY B 75 -0.38 -34.02 -7.72
CA GLY B 75 -0.28 -35.40 -7.24
C GLY B 75 -0.75 -36.41 -8.27
N GLN B 76 -1.88 -36.11 -8.93
CA GLN B 76 -2.40 -37.03 -9.94
C GLN B 76 -1.57 -36.99 -11.23
N LEU B 77 -0.85 -35.90 -11.49
CA LEU B 77 -0.02 -35.84 -12.69
C LEU B 77 1.21 -36.72 -12.57
N ILE B 78 1.72 -36.92 -11.36
CA ILE B 78 2.94 -37.70 -11.15
C ILE B 78 2.67 -39.12 -10.71
N GLU B 79 1.40 -39.48 -10.50
CA GLU B 79 1.07 -40.80 -9.97
C GLU B 79 1.67 -41.97 -10.77
N PRO B 80 1.71 -41.96 -12.11
CA PRO B 80 2.38 -43.06 -12.81
C PRO B 80 3.86 -43.20 -12.46
N LEU B 81 4.47 -42.18 -11.86
CA LEU B 81 5.84 -42.27 -11.39
C LEU B 81 5.95 -42.56 -9.90
N ARG B 82 4.82 -42.83 -9.22
CA ARG B 82 4.86 -43.06 -7.78
C ARG B 82 5.77 -44.22 -7.42
N ARG B 83 5.67 -45.33 -8.17
CA ARG B 83 6.46 -46.52 -7.83
C ARG B 83 7.96 -46.28 -7.98
N VAL B 84 8.39 -45.72 -9.12
CA VAL B 84 9.82 -45.42 -9.34
C VAL B 84 10.33 -44.41 -8.34
N LEU B 85 9.52 -43.39 -8.02
CA LEU B 85 9.99 -42.35 -7.11
C LEU B 85 10.15 -42.89 -5.70
N GLU B 86 9.33 -43.85 -5.29
CA GLU B 86 9.42 -44.37 -3.93
C GLU B 86 10.56 -45.37 -3.76
N ARG B 87 10.95 -46.07 -4.83
CA ARG B 87 12.00 -47.06 -4.72
C ARG B 87 13.38 -46.50 -5.05
N HIS B 88 13.49 -45.69 -6.10
CA HIS B 88 14.78 -45.25 -6.60
C HIS B 88 15.12 -43.81 -6.23
N HIS B 89 14.19 -43.06 -5.64
CA HIS B 89 14.42 -41.67 -5.31
C HIS B 89 13.81 -41.38 -3.95
N LEU B 90 13.88 -40.12 -3.54
CA LEU B 90 13.56 -39.73 -2.18
C LEU B 90 12.19 -39.04 -2.14
N PHE B 91 11.15 -39.83 -2.41
CA PHE B 91 9.78 -39.35 -2.42
C PHE B 91 8.99 -39.74 -1.19
N GLY B 92 9.09 -40.99 -0.75
CA GLY B 92 8.18 -41.46 0.27
C GLY B 92 6.77 -41.51 -0.28
N ALA B 93 5.80 -41.43 0.63
CA ALA B 93 4.39 -41.35 0.27
C ALA B 93 3.85 -40.04 0.85
N TRP B 94 3.83 -38.99 0.04
CA TRP B 94 3.61 -37.64 0.54
C TRP B 94 2.23 -37.47 1.15
N GLN B 95 2.17 -36.69 2.24
CA GLN B 95 0.93 -36.31 2.91
C GLN B 95 0.08 -37.52 3.25
N LEU B 96 0.75 -38.60 3.68
CA LEU B 96 0.07 -39.83 4.03
C LEU B 96 0.17 -40.21 5.49
N THR B 97 0.99 -39.51 6.29
CA THR B 97 1.10 -39.77 7.71
C THR B 97 1.09 -38.45 8.47
N SER B 98 0.81 -38.56 9.78
CA SER B 98 0.89 -37.42 10.69
C SER B 98 1.58 -37.88 11.97
N THR B 99 1.96 -36.93 12.79
CA THR B 99 2.83 -37.21 13.94
C THR B 99 1.99 -37.29 15.20
N THR B 100 2.05 -38.44 15.88
CA THR B 100 1.39 -38.61 17.16
C THR B 100 2.07 -37.72 18.21
N PRO B 101 1.34 -37.32 19.26
CA PRO B 101 1.97 -36.45 20.27
C PRO B 101 3.14 -37.10 20.99
N ARG B 102 3.12 -38.42 21.19
CA ARG B 102 4.29 -39.09 21.75
C ARG B 102 5.50 -38.88 20.86
N ALA B 103 5.31 -38.92 19.54
CA ALA B 103 6.42 -38.77 18.61
C ALA B 103 6.97 -37.35 18.63
N VAL B 104 6.09 -36.35 18.77
CA VAL B 104 6.57 -34.97 18.86
C VAL B 104 7.53 -34.81 20.03
N PHE B 105 7.15 -35.35 21.19
CA PHE B 105 7.98 -35.20 22.38
C PHE B 105 9.27 -36.00 22.27
N ASN B 106 9.23 -37.16 21.58
CA ASN B 106 10.47 -37.89 21.31
C ASN B 106 11.36 -37.09 20.37
N ILE B 107 10.78 -36.52 19.32
CA ILE B 107 11.54 -35.66 18.41
C ILE B 107 12.20 -34.53 19.19
N PHE B 108 11.42 -33.88 20.06
CA PHE B 108 11.93 -32.73 20.82
C PHE B 108 12.99 -33.16 21.83
N ARG B 109 12.73 -34.25 22.56
CA ARG B 109 13.68 -34.72 23.56
C ARG B 109 15.00 -35.14 22.96
N SER B 110 15.01 -35.55 21.69
CA SER B 110 16.22 -36.02 21.03
C SER B 110 16.97 -34.94 20.28
N LYS B 111 16.27 -33.95 19.71
CA LYS B 111 16.89 -32.92 18.89
C LYS B 111 17.07 -31.59 19.61
N VAL B 112 16.05 -31.12 20.33
CA VAL B 112 16.07 -29.77 20.89
C VAL B 112 16.53 -29.78 22.34
N ASP B 113 16.23 -30.86 23.06
CA ASP B 113 16.53 -30.94 24.50
C ASP B 113 18.01 -31.32 24.72
N ARG B 114 18.87 -30.44 24.23
CA ARG B 114 20.31 -30.58 24.41
C ARG B 114 20.92 -29.21 24.65
N ALA B 115 21.73 -29.10 25.70
CA ALA B 115 22.25 -27.81 26.12
C ALA B 115 23.22 -27.26 25.09
N PRO B 116 23.08 -26.00 24.67
CA PRO B 116 24.13 -25.36 23.89
C PRO B 116 25.42 -25.25 24.71
N VAL B 117 26.53 -25.05 24.00
CA VAL B 117 27.84 -24.92 24.62
C VAL B 117 28.10 -23.43 24.81
N GLU B 118 27.91 -22.95 26.03
CA GLU B 118 28.04 -21.52 26.31
C GLU B 118 29.46 -21.11 26.70
N LEU B 119 30.24 -22.03 27.25
CA LEU B 119 31.53 -21.68 27.85
C LEU B 119 32.67 -22.10 26.92
N HIS B 120 33.31 -21.11 26.30
CA HIS B 120 34.51 -21.32 25.51
C HIS B 120 35.23 -19.97 25.40
N SER B 121 36.37 -19.99 24.71
CA SER B 121 37.31 -18.87 24.76
C SER B 121 37.26 -17.99 23.51
N HIS B 122 36.27 -18.17 22.63
CA HIS B 122 36.28 -17.50 21.35
C HIS B 122 35.41 -16.25 21.29
N TYR B 123 34.76 -15.87 22.38
CA TYR B 123 33.87 -14.72 22.33
C TYR B 123 34.58 -13.40 22.03
N PRO B 124 35.74 -13.09 22.59
CA PRO B 124 36.41 -11.83 22.20
C PRO B 124 36.73 -11.76 20.72
N GLY B 125 37.24 -12.84 20.13
CA GLY B 125 37.54 -12.83 18.71
C GLY B 125 36.29 -12.74 17.84
N LEU B 126 35.22 -13.42 18.25
CA LEU B 126 33.99 -13.37 17.49
C LEU B 126 33.36 -11.99 17.52
N LYS B 127 33.43 -11.32 18.68
CA LYS B 127 32.86 -9.97 18.80
C LYS B 127 33.56 -8.99 17.89
N LYS B 128 34.89 -9.10 17.78
CA LYS B 128 35.64 -8.20 16.90
C LYS B 128 35.12 -8.28 15.46
N MSE B 129 34.79 -9.47 14.99
CA MSE B 129 34.32 -9.62 13.62
C MSE B 129 32.86 -9.21 13.47
O MSE B 129 32.49 -8.65 12.44
CB MSE B 129 34.51 -11.07 13.15
CG MSE B 129 35.95 -11.41 12.86
SE MSE B 129 36.12 -13.22 12.21
CE MSE B 129 37.89 -13.08 11.40
N TYR B 130 32.04 -9.49 14.48
CA TYR B 130 30.72 -8.88 14.54
C TYR B 130 30.83 -7.36 14.47
N ASP B 131 31.80 -6.79 15.18
CA ASP B 131 32.02 -5.35 15.16
C ASP B 131 32.55 -4.89 13.81
N ILE B 132 33.47 -5.65 13.21
CA ILE B 132 34.03 -5.28 11.91
C ILE B 132 32.95 -5.30 10.83
N LEU B 133 32.10 -6.33 10.85
CA LEU B 133 31.02 -6.41 9.85
C LEU B 133 30.02 -5.28 10.04
N ALA B 134 29.60 -5.03 11.29
CA ALA B 134 28.65 -3.96 11.55
C ALA B 134 29.22 -2.61 11.12
N ASP B 135 30.50 -2.37 11.41
CA ASP B 135 31.14 -1.11 11.01
C ASP B 135 31.22 -1.00 9.49
N LEU B 136 31.43 -2.12 8.79
CA LEU B 136 31.50 -2.08 7.33
C LEU B 136 30.15 -1.73 6.73
N TRP B 137 29.06 -2.33 7.23
CA TRP B 137 27.74 -2.06 6.67
C TRP B 137 27.33 -0.62 6.93
N LEU B 138 27.48 -0.14 8.16
CA LEU B 138 27.15 1.25 8.50
C LEU B 138 27.91 2.21 7.60
N GLU B 139 29.23 2.04 7.51
CA GLU B 139 30.06 2.90 6.67
C GLU B 139 29.55 2.95 5.24
N ARG B 140 29.20 1.80 4.68
CA ARG B 140 28.84 1.72 3.26
C ARG B 140 27.37 2.01 3.00
N TYR B 141 26.47 1.53 3.87
CA TYR B 141 25.05 1.51 3.55
C TYR B 141 24.17 2.22 4.56
N GLY B 142 24.74 2.78 5.62
CA GLY B 142 23.96 3.55 6.58
C GLY B 142 23.25 2.68 7.59
N SER B 143 22.48 3.34 8.44
CA SER B 143 21.80 2.67 9.54
C SER B 143 20.58 1.90 9.04
N MSE B 144 20.07 1.02 9.89
CA MSE B 144 18.94 0.16 9.55
C MSE B 144 17.62 0.73 10.05
O MSE B 144 17.51 1.16 11.20
CB MSE B 144 19.15 -1.23 10.13
CG MSE B 144 18.16 -2.28 9.64
SE MSE B 144 18.76 -4.08 10.10
CE MSE B 144 18.14 -4.16 11.94
N LYS B 145 16.62 0.75 9.18
CA LYS B 145 15.31 1.26 9.50
C LYS B 145 14.30 0.12 9.60
N ARG B 146 13.25 0.35 10.38
CA ARG B 146 12.15 -0.61 10.40
C ARG B 146 11.51 -0.70 9.02
N LEU B 147 10.94 -1.87 8.73
CA LEU B 147 10.31 -2.05 7.43
C LEU B 147 9.04 -1.20 7.34
N THR B 148 8.75 -0.75 6.12
CA THR B 148 7.49 -0.07 5.85
C THR B 148 6.35 -1.07 5.75
N GLU B 149 5.14 -0.56 5.60
CA GLU B 149 3.98 -1.44 5.55
C GLU B 149 3.91 -2.19 4.22
N ASP B 150 4.40 -1.59 3.14
CA ASP B 150 4.53 -2.32 1.89
C ASP B 150 5.63 -3.38 1.99
N GLU B 151 6.74 -3.05 2.65
CA GLU B 151 7.84 -4.00 2.78
C GLU B 151 7.42 -5.19 3.61
N MSE B 152 6.66 -4.97 4.67
CA MSE B 152 6.11 -6.07 5.47
C MSE B 152 5.16 -6.90 4.63
O MSE B 152 5.31 -8.11 4.53
CB MSE B 152 5.41 -5.53 6.71
CG MSE B 152 6.33 -4.97 7.76
SE MSE B 152 5.39 -3.94 9.11
CE MSE B 152 4.61 -5.41 10.14
N ALA B 153 4.18 -6.23 4.03
CA ALA B 153 3.12 -6.91 3.29
C ALA B 153 3.68 -7.86 2.24
N SER B 154 4.77 -7.47 1.60
CA SER B 154 5.37 -8.27 0.53
C SER B 154 6.32 -9.34 1.07
N ALA B 155 6.34 -9.58 2.37
CA ALA B 155 7.22 -10.59 2.96
C ALA B 155 6.51 -11.55 3.91
N ILE B 156 5.27 -11.26 4.31
CA ILE B 156 4.59 -12.11 5.28
C ILE B 156 4.08 -13.38 4.62
N ASN B 157 3.81 -14.39 5.44
CA ASN B 157 3.25 -15.67 5.00
C ASN B 157 1.77 -15.63 5.34
N ARG B 158 0.93 -15.40 4.32
CA ARG B 158 -0.50 -15.15 4.56
C ARG B 158 -1.19 -16.38 5.15
N ARG B 159 -0.76 -17.58 4.78
CA ARG B 159 -1.32 -18.81 5.35
C ARG B 159 -0.74 -19.15 6.70
N GLY B 160 0.08 -18.26 7.28
CA GLY B 160 0.71 -18.55 8.54
C GLY B 160 -0.27 -18.71 9.68
N ALA B 161 0.18 -19.40 10.72
CA ALA B 161 -0.67 -19.70 11.87
C ALA B 161 -0.76 -18.49 12.81
N MSE B 162 -1.82 -18.48 13.60
CA MSE B 162 -2.12 -17.34 14.47
C MSE B 162 -1.49 -17.49 15.85
O MSE B 162 -1.13 -16.51 16.50
CB MSE B 162 -3.63 -17.17 14.63
CG MSE B 162 -4.35 -16.75 13.35
SE MSE B 162 -3.66 -15.10 12.58
CE MSE B 162 -4.01 -13.90 14.07
N GLY B 163 -1.33 -18.73 16.30
CA GLY B 163 -0.87 -18.98 17.65
C GLY B 163 -2.00 -19.13 18.64
N TYR B 164 -1.75 -19.95 19.67
CA TYR B 164 -2.76 -20.21 20.68
C TYR B 164 -3.28 -18.92 21.30
N GLN B 165 -2.40 -17.97 21.54
CA GLN B 165 -2.75 -16.75 22.25
C GLN B 165 -3.62 -15.84 21.39
N MSE B 166 -3.97 -16.28 20.19
CA MSE B 166 -4.69 -15.44 19.25
C MSE B 166 -5.81 -16.17 18.51
O MSE B 166 -6.45 -15.59 17.63
CB MSE B 166 -3.71 -14.84 18.24
CG MSE B 166 -2.87 -13.70 18.79
SE MSE B 166 -3.43 -11.97 18.09
CE MSE B 166 -2.84 -10.82 19.54
N ASP B 167 -6.06 -17.43 18.88
CA ASP B 167 -7.11 -18.19 18.21
C ASP B 167 -8.50 -17.65 18.54
N ASN B 168 -8.70 -17.13 19.75
CA ASN B 168 -9.99 -16.58 20.18
C ASN B 168 -10.39 -15.34 19.40
N ARG B 169 -9.55 -14.81 18.51
CA ARG B 169 -9.89 -13.65 17.70
C ARG B 169 -10.47 -14.02 16.34
N ASN B 170 -10.56 -15.32 16.04
CA ASN B 170 -11.35 -15.84 14.92
C ASN B 170 -10.84 -15.39 13.56
N TYR B 171 -9.55 -15.09 13.45
CA TYR B 171 -8.97 -14.84 12.13
C TYR B 171 -8.68 -16.16 11.44
N GLY B 172 -8.80 -16.16 10.11
CA GLY B 172 -8.52 -17.37 9.35
C GLY B 172 -7.05 -17.71 9.34
N ASP B 173 -6.19 -16.72 9.13
CA ASP B 173 -4.75 -16.92 9.02
C ASP B 173 -4.09 -15.55 9.14
N LEU B 174 -2.81 -15.49 8.77
CA LEU B 174 -2.05 -14.24 8.90
C LEU B 174 -2.55 -13.20 7.90
N GLY B 175 -2.88 -13.62 6.67
CA GLY B 175 -3.37 -12.68 5.68
C GLY B 175 -4.65 -12.00 6.10
N ALA B 176 -5.62 -12.78 6.59
CA ALA B 176 -6.84 -12.19 7.11
C ALA B 176 -6.56 -11.25 8.28
N TYR B 177 -5.57 -11.60 9.09
CA TYR B 177 -5.12 -10.71 10.15
C TYR B 177 -4.48 -9.46 9.57
N TRP B 178 -3.62 -9.63 8.56
CA TRP B 178 -2.92 -8.50 7.96
C TRP B 178 -3.89 -7.58 7.23
N ASP B 179 -4.79 -8.16 6.42
CA ASP B 179 -5.72 -7.35 5.64
C ASP B 179 -6.76 -6.65 6.52
N SER B 180 -6.93 -7.09 7.76
CA SER B 180 -7.91 -6.50 8.66
C SER B 180 -7.45 -5.16 9.23
N GLY B 181 -6.15 -4.91 9.27
CA GLY B 181 -5.64 -3.71 9.90
C GLY B 181 -5.69 -3.71 11.42
N ASP B 182 -6.17 -4.80 12.04
CA ASP B 182 -6.16 -4.89 13.48
C ASP B 182 -4.75 -5.09 14.04
N TRP B 183 -3.82 -5.57 13.20
CA TRP B 183 -2.45 -5.78 13.64
C TRP B 183 -1.78 -4.48 14.05
N ARG B 184 -2.25 -3.35 13.51
CA ARG B 184 -1.59 -2.06 13.74
C ARG B 184 -1.47 -1.75 15.23
N GLN B 185 -2.55 -1.93 15.99
CA GLN B 185 -2.52 -1.64 17.41
C GLN B 185 -1.89 -2.77 18.21
N ASP B 186 -2.16 -4.02 17.83
CA ASP B 186 -1.60 -5.16 18.54
C ASP B 186 -0.08 -5.10 18.57
N VAL B 187 0.53 -4.76 17.44
CA VAL B 187 1.99 -4.66 17.39
C VAL B 187 2.48 -3.56 18.32
N ASN B 188 1.79 -2.41 18.32
CA ASN B 188 2.12 -1.37 19.28
C ASN B 188 1.88 -1.84 20.70
N THR B 189 0.81 -2.61 20.92
CA THR B 189 0.56 -3.18 22.24
C THR B 189 1.65 -4.18 22.61
N PHE B 190 2.07 -5.03 21.66
CA PHE B 190 3.18 -5.93 21.90
C PHE B 190 4.46 -5.15 22.18
N LYS B 191 4.73 -4.12 21.37
CA LYS B 191 5.91 -3.29 21.57
C LYS B 191 5.93 -2.70 22.97
N ARG B 192 4.81 -2.13 23.40
CA ARG B 192 4.79 -1.43 24.69
C ARG B 192 4.93 -2.41 25.86
N ALA B 193 4.35 -3.61 25.74
CA ALA B 193 4.53 -4.61 26.78
C ALA B 193 5.96 -5.11 26.83
N LEU B 194 6.58 -5.30 25.65
CA LEU B 194 7.95 -5.79 25.60
C LEU B 194 8.91 -4.81 26.25
N LEU B 195 8.84 -3.54 25.85
CA LEU B 195 9.77 -2.54 26.38
C LEU B 195 9.62 -2.33 27.87
N SER B 196 8.47 -2.68 28.44
CA SER B 196 8.26 -2.55 29.88
C SER B 196 8.91 -3.66 30.68
N GLY B 197 9.46 -4.68 30.01
CA GLY B 197 10.07 -5.81 30.70
C GLY B 197 9.14 -6.97 30.98
N THR B 198 7.85 -6.80 30.77
CA THR B 198 6.85 -7.85 31.01
C THR B 198 6.04 -8.03 29.74
N PRO B 199 6.54 -8.82 28.79
CA PRO B 199 5.89 -8.91 27.49
C PRO B 199 4.58 -9.67 27.56
N THR B 200 3.68 -9.34 26.64
CA THR B 200 2.54 -10.17 26.33
C THR B 200 2.86 -10.99 25.09
N HIS B 201 2.28 -12.19 25.02
CA HIS B 201 2.34 -13.03 23.82
C HIS B 201 3.78 -13.41 23.48
N ALA B 202 4.58 -13.73 24.50
CA ALA B 202 5.99 -14.02 24.32
C ALA B 202 6.33 -15.49 24.38
N VAL B 203 5.35 -16.37 24.57
CA VAL B 203 5.59 -17.81 24.67
C VAL B 203 5.42 -18.42 23.28
N TYR B 204 6.32 -19.34 22.94
CA TYR B 204 6.32 -19.94 21.61
C TYR B 204 5.30 -21.07 21.51
N ASN B 205 4.64 -21.14 20.37
CA ASN B 205 3.87 -22.32 19.99
C ASN B 205 4.74 -23.23 19.15
N THR B 206 4.35 -24.50 19.07
CA THR B 206 5.13 -25.47 18.33
C THR B 206 4.22 -26.34 17.46
N THR B 207 4.77 -26.78 16.34
CA THR B 207 4.13 -27.75 15.47
C THR B 207 5.19 -28.69 14.91
N ALA B 208 4.75 -29.83 14.40
CA ALA B 208 5.66 -30.80 13.80
C ALA B 208 5.51 -30.84 12.28
N ILE B 226 10.42 -29.94 14.70
CA ILE B 226 9.75 -29.02 15.61
C ILE B 226 9.91 -27.58 15.15
N ILE B 227 8.84 -27.01 14.61
CA ILE B 227 8.79 -25.59 14.26
C ILE B 227 8.23 -24.83 15.46
N GLN B 228 8.90 -23.74 15.83
CA GLN B 228 8.48 -22.91 16.94
C GLN B 228 8.17 -21.51 16.45
N TYR B 229 7.11 -20.91 16.98
CA TYR B 229 6.70 -19.60 16.50
C TYR B 229 5.90 -18.88 17.57
N LEU B 230 6.03 -17.55 17.58
CA LEU B 230 5.21 -16.71 18.44
C LEU B 230 3.86 -16.47 17.78
N PRO B 231 2.91 -15.90 18.52
CA PRO B 231 1.64 -15.51 17.88
C PRO B 231 1.84 -14.48 16.79
N ALA B 232 0.80 -14.31 15.97
CA ALA B 232 0.92 -13.55 14.73
C ALA B 232 1.29 -12.09 14.97
N ASP B 233 0.81 -11.50 16.07
CA ASP B 233 1.14 -10.10 16.34
C ASP B 233 2.63 -9.95 16.64
N ALA B 234 3.21 -10.92 17.35
CA ALA B 234 4.63 -10.85 17.67
C ALA B 234 5.50 -11.00 16.43
N ARG B 235 5.11 -11.90 15.52
CA ARG B 235 5.90 -12.12 14.32
C ARG B 235 5.86 -10.92 13.38
N LEU B 236 4.76 -10.16 13.41
CA LEU B 236 4.73 -8.92 12.64
C LEU B 236 5.64 -7.87 13.27
N TYR B 237 5.64 -7.78 14.59
CA TYR B 237 6.52 -6.84 15.27
C TYR B 237 7.98 -7.16 15.00
N GLU B 238 8.38 -8.42 15.20
CA GLU B 238 9.78 -8.77 15.02
C GLU B 238 10.21 -8.66 13.55
N LEU B 239 9.30 -8.95 12.62
CA LEU B 239 9.61 -8.71 11.22
C LEU B 239 9.76 -7.21 10.93
N LYS B 240 8.98 -6.37 11.63
CA LYS B 240 9.11 -4.94 11.45
C LYS B 240 10.46 -4.42 11.97
N VAL B 241 10.90 -4.92 13.12
CA VAL B 241 12.11 -4.40 13.72
C VAL B 241 13.35 -4.92 13.02
N LEU B 242 13.40 -6.23 12.71
CA LEU B 242 14.61 -6.86 12.22
C LEU B 242 14.53 -7.28 10.75
N GLY B 243 13.44 -6.97 10.06
CA GLY B 243 13.32 -7.36 8.67
C GLY B 243 14.32 -6.68 7.75
N GLY B 244 14.93 -5.58 8.20
CA GLY B 244 15.91 -4.86 7.40
C GLY B 244 17.26 -5.52 7.28
N LEU B 245 17.56 -6.52 8.11
CA LEU B 245 18.82 -7.26 7.97
C LEU B 245 18.99 -7.84 6.58
N HIS B 246 17.87 -8.20 5.93
CA HIS B 246 17.93 -8.77 4.59
C HIS B 246 18.58 -7.81 3.59
N LYS B 247 18.29 -6.51 3.72
CA LYS B 247 18.82 -5.54 2.77
C LYS B 247 20.33 -5.48 2.83
N TYR B 248 20.91 -5.64 4.02
CA TYR B 248 22.36 -5.66 4.14
C TYR B 248 22.95 -6.87 3.43
N LEU B 249 22.30 -8.02 3.52
CA LEU B 249 22.85 -9.25 2.97
C LEU B 249 22.84 -9.24 1.44
N GLU B 250 21.83 -8.59 0.84
CA GLU B 250 21.75 -8.50 -0.61
C GLU B 250 22.96 -7.77 -1.20
N LYS B 251 23.70 -7.02 -0.38
CA LYS B 251 24.88 -6.31 -0.83
C LYS B 251 26.17 -7.06 -0.55
N CYS B 252 26.10 -8.24 0.06
CA CYS B 252 27.28 -9.00 0.47
C CYS B 252 27.59 -10.08 -0.56
N GLY B 253 28.84 -10.13 -1.02
CA GLY B 253 29.23 -11.13 -2.00
C GLY B 253 29.17 -12.54 -1.46
N TRP B 254 29.10 -12.72 -0.15
CA TRP B 254 29.03 -14.03 0.47
C TRP B 254 27.60 -14.43 0.82
N SER B 255 26.61 -13.64 0.43
CA SER B 255 25.22 -13.95 0.67
C SER B 255 24.49 -14.11 -0.66
N VAL B 256 23.47 -14.95 -0.67
CA VAL B 256 22.57 -15.08 -1.81
C VAL B 256 21.18 -14.54 -1.47
N ALA B 257 21.09 -13.66 -0.47
CA ALA B 257 19.81 -13.08 -0.10
C ALA B 257 19.23 -12.31 -1.28
N GLY B 258 17.96 -12.57 -1.58
CA GLY B 258 17.32 -11.88 -2.67
C GLY B 258 17.79 -12.30 -4.05
N GLN B 259 18.39 -13.48 -4.17
CA GLN B 259 18.78 -14.03 -5.46
C GLN B 259 18.06 -15.34 -5.71
N GLY B 260 17.66 -15.57 -6.96
CA GLY B 260 17.00 -16.81 -7.30
C GLY B 260 17.97 -17.98 -7.34
N LEU B 261 17.41 -19.18 -7.20
CA LEU B 261 18.23 -20.39 -7.21
C LEU B 261 18.97 -20.56 -8.52
N TYR B 262 18.43 -20.03 -9.63
CA TYR B 262 19.06 -20.11 -10.93
C TYR B 262 20.37 -19.32 -11.00
N LYS B 263 20.67 -18.49 -10.00
CA LYS B 263 21.92 -17.74 -9.95
C LYS B 263 22.98 -18.41 -9.10
N TYR B 264 22.64 -19.47 -8.36
CA TYR B 264 23.54 -19.98 -7.33
C TYR B 264 24.75 -20.69 -7.94
N GLY B 265 24.52 -21.52 -8.97
CA GLY B 265 25.60 -22.29 -9.55
C GLY B 265 26.70 -21.42 -10.13
N ASP B 266 26.32 -20.33 -10.81
CA ASP B 266 27.32 -19.42 -11.34
C ASP B 266 28.13 -18.79 -10.22
N ARG B 267 27.49 -18.47 -9.09
CA ARG B 267 28.23 -18.00 -7.93
C ARG B 267 29.19 -19.07 -7.42
N VAL B 268 28.75 -20.33 -7.40
CA VAL B 268 29.62 -21.42 -6.96
C VAL B 268 30.79 -21.58 -7.91
N LYS B 269 30.52 -21.54 -9.22
CA LYS B 269 31.60 -21.67 -10.21
C LYS B 269 32.56 -20.49 -10.12
N LYS B 270 32.03 -19.28 -9.89
CA LYS B 270 32.89 -18.09 -9.85
C LYS B 270 33.79 -18.10 -8.62
N SER B 271 33.26 -18.56 -7.47
CA SER B 271 34.09 -18.67 -6.28
C SER B 271 35.10 -19.81 -6.42
N MSE B 272 34.68 -20.90 -7.05
CA MSE B 272 35.56 -22.04 -7.31
C MSE B 272 36.67 -21.69 -8.28
O MSE B 272 37.82 -22.12 -8.12
CB MSE B 272 34.75 -23.22 -7.85
CG MSE B 272 35.40 -24.59 -7.73
SE MSE B 272 36.26 -24.92 -6.01
CE MSE B 272 36.47 -26.84 -6.13
N ASP B 273 36.33 -20.88 -9.29
CA ASP B 273 37.32 -20.47 -10.29
C ASP B 273 38.42 -19.63 -9.66
N ALA B 274 38.10 -18.85 -8.63
CA ALA B 274 39.05 -17.95 -7.99
C ALA B 274 39.87 -18.63 -6.89
N THR B 275 39.59 -19.90 -6.60
CA THR B 275 40.20 -20.55 -5.44
C THR B 275 40.79 -21.91 -5.80
N GLY B 276 39.95 -22.88 -6.13
CA GLY B 276 40.41 -24.19 -6.51
C GLY B 276 40.05 -25.33 -5.57
N ALA B 277 39.55 -25.02 -4.38
CA ALA B 277 39.13 -26.06 -3.43
C ALA B 277 38.03 -25.49 -2.54
N ALA B 278 37.15 -26.38 -2.09
CA ALA B 278 36.00 -25.97 -1.29
C ALA B 278 35.74 -27.00 -0.20
N ILE B 279 35.23 -26.51 0.93
CA ILE B 279 34.87 -27.35 2.07
C ILE B 279 33.44 -27.03 2.47
N SER B 280 32.55 -28.00 2.32
CA SER B 280 31.11 -27.83 2.56
C SER B 280 30.70 -28.81 3.65
N GLU B 281 30.55 -28.31 4.88
CA GLU B 281 30.32 -29.16 6.05
C GLU B 281 29.06 -28.70 6.76
N ASP B 282 28.09 -29.60 6.90
CA ASP B 282 26.83 -29.30 7.55
C ASP B 282 26.93 -29.56 9.05
N VAL B 283 26.34 -28.66 9.83
CA VAL B 283 26.27 -28.80 11.28
C VAL B 283 24.97 -29.51 11.62
N ALA B 284 25.05 -30.52 12.49
CA ALA B 284 23.86 -31.24 12.93
C ALA B 284 23.00 -30.32 13.79
N GLY B 285 21.75 -30.11 13.38
CA GLY B 285 20.81 -29.30 14.14
C GLY B 285 21.38 -27.94 14.55
N TRP B 286 21.72 -27.12 13.56
CA TRP B 286 22.36 -25.83 13.81
C TRP B 286 21.56 -24.98 14.79
N ASP B 287 20.24 -24.87 14.56
CA ASP B 287 19.40 -24.04 15.42
C ASP B 287 19.54 -24.43 16.89
N THR B 288 19.64 -25.73 17.16
CA THR B 288 19.70 -26.21 18.53
C THR B 288 21.04 -25.98 19.21
N LYS B 289 22.07 -25.55 18.46
CA LYS B 289 23.41 -25.43 19.01
C LYS B 289 23.88 -23.99 19.15
N ILE B 290 23.15 -23.00 18.62
CA ILE B 290 23.51 -21.61 18.85
C ILE B 290 23.34 -21.31 20.33
N SER B 291 24.34 -20.64 20.91
CA SER B 291 24.37 -20.39 22.33
C SER B 291 23.75 -19.03 22.67
N LYS B 292 23.43 -18.85 23.96
CA LYS B 292 23.05 -17.52 24.43
C LYS B 292 24.19 -16.53 24.25
N GLY B 293 25.43 -17.00 24.41
CA GLY B 293 26.57 -16.14 24.17
C GLY B 293 26.64 -15.61 22.75
N LEU B 294 26.32 -16.48 21.77
CA LEU B 294 26.30 -16.02 20.38
C LEU B 294 25.12 -15.07 20.13
N LEU B 295 23.98 -15.35 20.76
CA LEU B 295 22.84 -14.43 20.64
C LEU B 295 23.17 -13.06 21.23
N THR B 296 23.97 -13.02 22.30
CA THR B 296 24.40 -11.75 22.85
C THR B 296 25.21 -10.95 21.85
N LEU B 297 25.99 -11.63 21.01
CA LEU B 297 26.77 -10.95 19.98
C LEU B 297 25.90 -10.51 18.81
N GLU B 298 24.93 -11.35 18.42
CA GLU B 298 23.96 -10.95 17.41
C GLU B 298 23.21 -9.70 17.85
N SER B 299 22.65 -9.73 19.06
CA SER B 299 21.97 -8.55 19.59
C SER B 299 22.91 -7.35 19.62
N HIS B 300 24.11 -7.54 20.17
CA HIS B 300 25.10 -6.47 20.20
C HIS B 300 25.32 -5.86 18.82
N MSE B 301 25.42 -6.70 17.79
CA MSE B 301 25.69 -6.19 16.45
C MSE B 301 24.49 -5.44 15.87
O MSE B 301 24.66 -4.38 15.25
CB MSE B 301 26.06 -7.33 15.51
CG MSE B 301 26.27 -6.86 14.09
SE MSE B 301 26.25 -8.32 12.81
CE MSE B 301 26.28 -7.28 11.17
N PHE B 302 23.29 -5.98 16.05
CA PHE B 302 22.11 -5.39 15.44
C PHE B 302 21.66 -4.11 16.14
N THR B 303 21.84 -4.01 17.47
CA THR B 303 21.62 -2.72 18.13
C THR B 303 22.53 -1.65 17.56
N LYS B 304 23.78 -2.02 17.22
CA LYS B 304 24.69 -1.05 16.60
C LYS B 304 24.18 -0.60 15.24
N LEU B 305 23.48 -1.48 14.52
CA LEU B 305 22.95 -1.13 13.21
C LEU B 305 21.72 -0.22 13.31
N ALA B 306 21.07 -0.14 14.47
CA ALA B 306 19.83 0.60 14.59
C ALA B 306 20.04 2.09 14.34
N GLU B 307 19.02 2.73 13.76
CA GLU B 307 19.13 4.13 13.36
C GLU B 307 18.83 5.10 14.47
N ASP B 308 18.12 4.69 15.53
CA ASP B 308 17.94 5.52 16.70
C ASP B 308 17.97 4.65 17.95
N GLU B 309 18.03 5.31 19.11
CA GLU B 309 18.26 4.61 20.37
C GLU B 309 17.07 3.76 20.80
N GLU B 310 15.84 4.15 20.44
CA GLU B 310 14.71 3.33 20.83
C GLU B 310 14.64 2.06 20.00
N MSE B 311 15.08 2.12 18.75
CA MSE B 311 15.21 0.90 17.95
C MSE B 311 16.17 -0.08 18.60
O MSE B 311 15.90 -1.27 18.66
CB MSE B 311 15.70 1.22 16.54
CG MSE B 311 15.31 0.18 15.52
SE MSE B 311 15.54 0.78 13.69
CE MSE B 311 15.25 -0.91 12.78
N ALA B 312 17.30 0.45 19.07
CA ALA B 312 18.29 -0.38 19.75
C ALA B 312 17.69 -1.07 20.97
N ARG B 313 16.89 -0.34 21.75
CA ARG B 313 16.24 -0.95 22.91
C ARG B 313 15.25 -2.02 22.48
N GLU B 314 14.53 -1.80 21.37
CA GLU B 314 13.58 -2.78 20.89
C GLU B 314 14.29 -4.07 20.49
N ILE B 315 15.40 -3.95 19.75
CA ILE B 315 16.14 -5.12 19.32
C ILE B 315 16.68 -5.89 20.52
N HIS B 316 17.28 -5.17 21.47
CA HIS B 316 17.84 -5.82 22.65
C HIS B 316 16.77 -6.54 23.45
N HIS B 317 15.58 -5.93 23.57
CA HIS B 317 14.50 -6.57 24.31
C HIS B 317 13.97 -7.80 23.59
N LEU B 318 13.93 -7.76 22.25
CA LEU B 318 13.56 -8.94 21.50
C LEU B 318 14.54 -10.08 21.74
N TYR B 319 15.82 -9.75 21.90
CA TYR B 319 16.83 -10.77 22.16
C TYR B 319 16.89 -11.18 23.62
N ARG B 320 16.39 -10.35 24.53
CA ARG B 320 16.12 -10.81 25.90
C ARG B 320 15.06 -11.90 25.88
N LEU B 321 14.16 -11.85 24.89
CA LEU B 321 13.16 -12.90 24.72
C LEU B 321 13.77 -14.13 24.06
N TYR B 322 14.44 -13.94 22.91
CA TYR B 322 15.01 -15.07 22.17
C TYR B 322 15.92 -15.91 23.04
N ALA B 323 16.79 -15.26 23.82
CA ALA B 323 17.75 -15.98 24.64
C ALA B 323 17.12 -16.69 25.83
N ASP B 324 15.84 -16.42 26.13
CA ASP B 324 15.14 -17.02 27.25
C ASP B 324 13.86 -17.66 26.70
N PRO B 325 13.99 -18.72 25.89
CA PRO B 325 12.84 -19.25 25.14
C PRO B 325 11.90 -20.05 26.04
N HIS B 326 10.63 -19.65 26.06
CA HIS B 326 9.56 -20.45 26.61
C HIS B 326 8.71 -20.98 25.44
N MSE B 327 8.37 -22.26 25.48
CA MSE B 327 7.55 -22.84 24.43
C MSE B 327 6.64 -23.93 24.97
O MSE B 327 6.86 -24.47 26.05
CB MSE B 327 8.41 -23.41 23.31
CG MSE B 327 9.25 -24.60 23.72
SE MSE B 327 10.65 -24.94 22.41
CE MSE B 327 11.85 -23.49 22.92
N VAL B 328 5.61 -24.25 24.19
CA VAL B 328 4.63 -25.27 24.55
C VAL B 328 4.72 -26.40 23.54
N VAL B 329 5.15 -27.56 24.00
CA VAL B 329 5.27 -28.76 23.16
C VAL B 329 4.29 -29.79 23.67
N GLN B 330 3.79 -30.62 22.76
CA GLN B 330 2.85 -31.67 23.13
C GLN B 330 3.59 -32.95 23.52
N ARG B 331 2.92 -33.75 24.36
CA ARG B 331 3.42 -35.05 24.75
C ARG B 331 2.20 -35.89 25.13
N GLU B 332 2.43 -37.20 25.26
CA GLU B 332 1.35 -38.13 25.58
C GLU B 332 1.85 -39.12 26.61
N ILE B 333 1.16 -39.20 27.75
CA ILE B 333 1.53 -40.09 28.84
C ILE B 333 0.26 -40.79 29.33
N GLU B 334 0.29 -42.12 29.31
CA GLU B 334 -0.84 -42.95 29.76
C GLU B 334 -2.12 -42.64 28.98
N GLY B 335 -1.99 -42.29 27.71
CA GLY B 335 -3.13 -41.97 26.86
C GLY B 335 -3.61 -40.54 26.96
N GLU B 336 -3.05 -39.76 27.88
CA GLU B 336 -3.47 -38.38 28.13
C GLU B 336 -2.54 -37.44 27.38
N VAL B 337 -3.12 -36.61 26.51
CA VAL B 337 -2.33 -35.65 25.73
C VAL B 337 -2.09 -34.41 26.58
N HIS B 338 -0.84 -33.93 26.58
CA HIS B 338 -0.45 -32.77 27.37
C HIS B 338 0.02 -31.64 26.45
N ASP B 339 -0.21 -30.41 26.90
CA ASP B 339 0.46 -29.23 26.39
C ASP B 339 1.45 -28.79 27.45
N VAL B 340 2.74 -28.97 27.17
CA VAL B 340 3.80 -28.83 28.17
C VAL B 340 4.54 -27.53 27.92
N LEU B 341 4.56 -26.66 28.91
CA LEU B 341 5.32 -25.42 28.84
C LEU B 341 6.75 -25.68 29.32
N LEU B 342 7.72 -25.36 28.47
CA LEU B 342 9.13 -25.64 28.75
C LEU B 342 9.95 -24.36 28.60
N ARG B 343 10.99 -24.24 29.43
CA ARG B 343 11.88 -23.10 29.40
C ARG B 343 13.31 -23.57 29.14
N GLY B 344 13.97 -22.94 28.17
CA GLY B 344 15.36 -23.25 27.88
C GLY B 344 16.25 -22.03 27.96
N ARG B 345 17.43 -22.08 27.33
CA ARG B 345 18.36 -20.96 27.36
C ARG B 345 19.06 -20.84 26.02
N GLY B 346 18.62 -19.88 25.22
CA GLY B 346 19.46 -19.29 24.18
C GLY B 346 19.78 -20.09 22.95
N GLN B 347 18.83 -20.85 22.41
CA GLN B 347 19.05 -21.37 21.07
C GLN B 347 18.18 -20.59 20.08
N VAL B 348 17.96 -21.13 18.89
CA VAL B 348 17.36 -20.39 17.78
C VAL B 348 16.09 -21.09 17.33
N SER B 349 15.00 -20.32 17.23
CA SER B 349 13.73 -20.84 16.75
C SER B 349 13.58 -20.55 15.26
N SER B 350 12.90 -21.46 14.56
CA SER B 350 12.84 -21.41 13.10
C SER B 350 11.65 -20.59 12.58
N GLY B 351 10.55 -20.55 13.32
CA GLY B 351 9.38 -19.81 12.89
C GLY B 351 9.44 -18.35 13.25
N ARG B 352 10.61 -17.74 13.06
CA ARG B 352 10.83 -16.33 13.29
C ARG B 352 11.40 -15.74 12.01
N GLN B 353 10.75 -14.70 11.50
CA GLN B 353 11.16 -14.13 10.21
C GLN B 353 12.61 -13.69 10.19
N PRO B 354 13.14 -12.98 11.21
CA PRO B 354 14.57 -12.63 11.18
C PRO B 354 15.51 -13.81 11.36
N THR B 355 15.02 -15.01 11.66
CA THR B 355 15.92 -16.14 11.92
C THR B 355 16.83 -16.40 10.74
N TYR B 356 16.30 -16.34 9.52
CA TYR B 356 17.15 -16.57 8.35
C TYR B 356 18.31 -15.59 8.33
N ALA B 357 18.01 -14.29 8.38
CA ALA B 357 19.06 -13.28 8.28
C ALA B 357 20.03 -13.36 9.44
N ALA B 358 19.52 -13.63 10.66
CA ALA B 358 20.40 -13.75 11.81
C ALA B 358 21.33 -14.94 11.67
N ASN B 359 20.79 -16.09 11.23
CA ASN B 359 21.59 -17.31 11.16
C ASN B 359 22.70 -17.18 10.12
N THR B 360 22.41 -16.63 8.94
CA THR B 360 23.44 -16.53 7.92
C THR B 360 24.53 -15.55 8.32
N ILE B 361 24.19 -14.51 9.09
CA ILE B 361 25.22 -13.60 9.61
C ILE B 361 26.12 -14.34 10.59
N THR B 362 25.52 -15.03 11.57
CA THR B 362 26.30 -15.76 12.56
C THR B 362 27.06 -16.92 11.92
N ASN B 363 26.44 -17.59 10.95
CA ASN B 363 27.15 -18.63 10.21
C ASN B 363 28.37 -18.06 9.52
N PHE B 364 28.25 -16.88 8.91
CA PHE B 364 29.39 -16.27 8.25
C PHE B 364 30.47 -15.87 9.25
N ILE B 365 30.07 -15.31 10.39
CA ILE B 365 31.06 -14.81 11.35
C ILE B 365 31.81 -15.97 12.00
N THR B 366 31.08 -16.98 12.46
CA THR B 366 31.73 -18.13 13.09
C THR B 366 32.62 -18.88 12.09
N THR B 367 32.18 -18.99 10.84
CA THR B 367 33.00 -19.66 9.84
C THR B 367 34.22 -18.83 9.47
N THR B 368 34.04 -17.51 9.33
CA THR B 368 35.17 -16.64 9.03
C THR B 368 36.16 -16.59 10.19
N TYR B 369 35.65 -16.63 11.43
CA TYR B 369 36.55 -16.64 12.57
C TYR B 369 37.33 -17.94 12.66
N GLY B 370 36.66 -19.07 12.43
CA GLY B 370 37.36 -20.35 12.46
C GLY B 370 38.45 -20.45 11.41
N MSE B 371 38.16 -20.01 10.19
CA MSE B 371 39.13 -20.05 9.12
C MSE B 371 40.33 -19.14 9.41
O MSE B 371 41.48 -19.52 9.18
CB MSE B 371 38.49 -19.67 7.78
CG MSE B 371 39.45 -19.19 6.72
SE MSE B 371 38.65 -17.94 5.46
CE MSE B 371 37.95 -16.64 6.70
N ALA B 372 40.05 -17.93 9.90
CA ALA B 372 41.12 -16.98 10.18
C ALA B 372 42.05 -17.51 11.27
N MSE B 373 41.49 -18.06 12.34
CA MSE B 373 42.28 -18.60 13.44
C MSE B 373 43.15 -19.76 12.96
O MSE B 373 44.34 -19.83 13.27
CB MSE B 373 41.38 -19.09 14.57
CG MSE B 373 40.72 -17.98 15.39
SE MSE B 373 41.98 -16.77 16.25
CE MSE B 373 42.28 -17.79 17.89
N THR B 374 42.53 -20.66 12.19
CA THR B 374 43.24 -21.85 11.73
C THR B 374 44.32 -21.53 10.70
N LEU B 375 44.08 -20.54 9.85
CA LEU B 375 45.05 -20.18 8.81
C LEU B 375 46.13 -19.23 9.32
N GLY B 376 46.02 -18.73 10.54
CA GLY B 376 47.01 -17.81 11.06
C GLY B 376 46.90 -16.39 10.55
N ILE B 377 45.68 -15.91 10.31
CA ILE B 377 45.47 -14.53 9.86
C ILE B 377 45.47 -13.61 11.08
N PRO B 378 46.36 -12.63 11.15
CA PRO B 378 46.42 -11.77 12.34
C PRO B 378 45.21 -10.86 12.44
N GLU B 379 44.91 -10.45 13.67
CA GLU B 379 43.74 -9.63 13.94
C GLU B 379 43.73 -8.34 13.12
N ALA B 380 44.91 -7.79 12.83
CA ALA B 380 45.00 -6.52 12.13
C ALA B 380 44.60 -6.63 10.66
N ASP B 381 44.52 -7.84 10.10
CA ASP B 381 44.06 -8.04 8.74
C ASP B 381 42.60 -8.47 8.67
N TRP B 382 41.96 -8.69 9.82
CA TRP B 382 40.55 -9.07 9.82
C TRP B 382 39.63 -8.06 9.16
N PRO B 383 39.84 -6.75 9.27
CA PRO B 383 38.97 -5.82 8.51
C PRO B 383 39.05 -6.02 7.00
N ARG B 384 40.26 -6.13 6.46
CA ARG B 384 40.41 -6.36 5.02
C ARG B 384 39.85 -7.72 4.62
N LEU B 385 40.04 -8.73 5.47
CA LEU B 385 39.52 -10.06 5.17
C LEU B 385 37.99 -10.04 5.01
N ILE B 386 37.29 -9.40 5.95
CA ILE B 386 35.84 -9.33 5.88
C ILE B 386 35.39 -8.53 4.67
N ARG B 387 36.06 -7.39 4.43
CA ARG B 387 35.75 -6.58 3.26
C ARG B 387 35.97 -7.37 1.97
N ASN B 388 37.09 -8.09 1.89
CA ASN B 388 37.40 -8.85 0.67
C ASN B 388 36.37 -9.95 0.43
N LEU B 389 35.99 -10.68 1.48
CA LEU B 389 34.94 -11.68 1.33
C LEU B 389 33.62 -11.06 0.91
N THR B 390 33.33 -9.85 1.38
CA THR B 390 32.11 -9.15 0.98
C THR B 390 32.17 -8.71 -0.48
N ASP B 391 33.36 -8.39 -0.98
CA ASP B 391 33.53 -7.84 -2.31
C ASP B 391 33.92 -8.88 -3.36
N GLU B 392 34.11 -10.14 -2.95
CA GLU B 392 34.55 -11.21 -3.86
C GLU B 392 35.90 -10.87 -4.51
N ARG B 393 36.81 -10.34 -3.71
CA ARG B 393 38.20 -10.15 -4.11
C ARG B 393 39.09 -10.97 -3.17
N GLY B 394 40.24 -11.39 -3.69
CA GLY B 394 41.13 -12.24 -2.94
C GLY B 394 40.87 -13.71 -3.21
N ASN B 395 41.75 -14.55 -2.64
CA ASN B 395 41.74 -15.98 -2.93
C ASN B 395 41.04 -16.80 -1.86
N ARG B 396 40.08 -16.21 -1.16
CA ARG B 396 39.20 -16.92 -0.24
C ARG B 396 37.78 -16.40 -0.43
N ARG B 397 36.82 -17.33 -0.52
CA ARG B 397 35.43 -16.97 -0.78
C ARG B 397 34.51 -17.80 0.10
N LEU B 398 33.37 -17.21 0.45
CA LEU B 398 32.32 -17.87 1.21
C LEU B 398 30.99 -17.68 0.50
N LEU B 399 30.12 -18.68 0.66
CA LEU B 399 28.72 -18.58 0.28
C LEU B 399 27.89 -19.12 1.43
N VAL B 400 27.04 -18.27 2.01
CA VAL B 400 26.34 -18.57 3.25
C VAL B 400 24.85 -18.33 3.04
N SER B 401 24.03 -19.28 3.48
CA SER B 401 22.57 -19.13 3.47
C SER B 401 22.02 -19.94 4.64
N GLY B 402 21.58 -19.24 5.68
CA GLY B 402 21.16 -19.93 6.89
C GLY B 402 22.32 -20.71 7.47
N ASP B 403 22.08 -21.97 7.80
CA ASP B 403 23.13 -22.84 8.30
C ASP B 403 23.90 -23.54 7.19
N ASP B 404 23.61 -23.21 5.93
CA ASP B 404 24.36 -23.76 4.80
C ASP B 404 25.51 -22.83 4.45
N LYS B 405 26.70 -23.39 4.33
CA LYS B 405 27.91 -22.61 4.08
C LYS B 405 28.84 -23.41 3.18
N VAL B 406 29.57 -22.71 2.32
CA VAL B 406 30.66 -23.29 1.56
C VAL B 406 31.85 -22.35 1.65
N LEU B 407 33.00 -22.90 2.04
CA LEU B 407 34.23 -22.13 2.14
C LEU B 407 35.13 -22.48 0.96
N PHE B 408 35.49 -21.46 0.19
CA PHE B 408 36.38 -21.63 -0.96
C PHE B 408 37.77 -21.15 -0.61
N LEU B 409 38.77 -22.00 -0.81
CA LEU B 409 40.14 -21.70 -0.45
C LEU B 409 41.06 -22.25 -1.54
N ARG B 410 42.27 -21.71 -1.59
CA ARG B 410 43.30 -22.31 -2.41
C ARG B 410 43.67 -23.68 -1.86
N GLY B 411 44.29 -24.49 -2.72
CA GLY B 411 44.61 -25.85 -2.33
C GLY B 411 45.46 -25.94 -1.08
N ASP B 412 46.42 -25.01 -0.92
CA ASP B 412 47.32 -25.07 0.23
C ASP B 412 46.58 -24.74 1.52
N GLU B 413 45.88 -23.60 1.55
CA GLU B 413 45.14 -23.24 2.76
C GLU B 413 43.97 -24.17 3.00
N ALA B 414 43.43 -24.79 1.95
CA ALA B 414 42.38 -25.78 2.15
C ALA B 414 42.91 -26.98 2.94
N ARG B 415 44.16 -27.36 2.71
CA ARG B 415 44.75 -28.47 3.45
C ARG B 415 44.94 -28.11 4.92
N VAL B 416 45.35 -26.87 5.20
CA VAL B 416 45.53 -26.44 6.58
C VAL B 416 44.20 -26.39 7.31
N TYR B 417 43.19 -25.78 6.68
CA TYR B 417 41.87 -25.70 7.30
C TYR B 417 41.31 -27.08 7.57
N ALA B 418 41.45 -28.01 6.62
CA ALA B 418 40.81 -29.31 6.75
C ALA B 418 41.34 -30.10 7.95
N SER B 419 42.58 -29.85 8.35
CA SER B 419 43.25 -30.70 9.33
C SER B 419 43.08 -30.25 10.77
N SER B 420 42.43 -29.11 11.03
CA SER B 420 42.33 -28.66 12.41
C SER B 420 41.25 -27.60 12.66
N ALA B 421 40.59 -27.11 11.61
CA ALA B 421 39.61 -26.05 11.81
C ALA B 421 38.42 -26.52 12.64
N TYR B 422 38.16 -27.84 12.64
CA TYR B 422 37.04 -28.38 13.40
C TYR B 422 37.21 -28.16 14.90
N ARG B 423 38.47 -28.03 15.37
CA ARG B 423 38.73 -27.81 16.78
C ARG B 423 37.97 -26.58 17.29
N THR B 424 38.02 -25.49 16.51
CA THR B 424 37.42 -24.25 16.93
C THR B 424 35.90 -24.35 16.96
N SER B 425 35.30 -24.94 15.93
CA SER B 425 33.84 -25.09 15.90
C SER B 425 33.36 -26.15 16.88
N ASN B 426 34.15 -27.21 17.10
CA ASN B 426 33.83 -28.16 18.16
C ASN B 426 33.83 -27.46 19.52
N ASP B 427 34.72 -26.48 19.70
CA ASP B 427 34.77 -25.75 20.96
C ASP B 427 33.49 -24.97 21.22
N MSE B 428 32.81 -24.54 20.16
CA MSE B 428 31.54 -23.84 20.32
C MSE B 428 30.33 -24.76 20.14
O MSE B 428 29.21 -24.28 19.96
CB MSE B 428 31.43 -22.68 19.33
CG MSE B 428 32.60 -21.73 19.31
SE MSE B 428 32.38 -20.51 17.81
CE MSE B 428 34.23 -20.33 17.25
N GLY B 429 30.57 -26.06 20.19
CA GLY B 429 29.49 -27.01 20.06
C GLY B 429 28.89 -27.14 18.67
N LEU B 430 29.40 -26.39 17.69
CA LEU B 430 28.91 -26.48 16.31
C LEU B 430 29.47 -27.75 15.67
N VAL B 431 29.01 -28.89 16.19
CA VAL B 431 29.51 -30.18 15.76
C VAL B 431 29.01 -30.51 14.37
N ARG B 432 29.90 -31.03 13.52
CA ARG B 432 29.55 -31.33 12.14
C ARG B 432 28.74 -32.63 12.06
N LYS B 433 27.75 -32.63 11.17
CA LYS B 433 26.82 -33.72 11.04
C LYS B 433 27.46 -34.90 10.31
N ASP B 434 27.21 -36.11 10.83
CA ASP B 434 27.59 -37.37 10.21
C ASP B 434 29.10 -37.58 10.12
N MSE B 435 29.87 -36.91 10.96
CA MSE B 435 31.31 -37.18 11.02
C MSE B 435 31.76 -37.38 12.45
O MSE B 435 31.12 -36.91 13.39
CB MSE B 435 32.12 -36.04 10.39
CG MSE B 435 31.41 -35.22 9.34
SE MSE B 435 32.52 -33.74 8.72
CE MSE B 435 34.20 -34.71 8.48
N ALA B 436 32.89 -38.08 12.62
CA ALA B 436 33.54 -38.10 13.91
C ALA B 436 33.96 -36.69 14.29
N LEU B 437 34.15 -36.47 15.59
CA LEU B 437 34.47 -35.14 16.10
C LEU B 437 35.69 -34.54 15.39
N GLU B 438 36.73 -35.34 15.20
CA GLU B 438 38.00 -34.83 14.70
C GLU B 438 38.36 -35.40 13.34
N GLN B 439 37.38 -35.86 12.58
CA GLN B 439 37.63 -36.20 11.18
C GLN B 439 38.06 -34.97 10.42
N GLU B 440 39.17 -35.08 9.69
CA GLU B 440 39.62 -33.99 8.84
C GLU B 440 38.60 -33.72 7.75
N SER B 441 38.51 -32.46 7.33
CA SER B 441 37.46 -32.04 6.41
C SER B 441 37.64 -32.67 5.03
N GLU B 442 36.52 -32.94 4.38
CA GLU B 442 36.53 -33.28 2.96
C GLU B 442 36.89 -32.05 2.15
N ILE B 443 37.87 -32.16 1.27
CA ILE B 443 38.27 -31.09 0.37
C ILE B 443 37.72 -31.42 -1.01
N ILE B 444 36.91 -30.51 -1.54
CA ILE B 444 36.23 -30.71 -2.82
C ILE B 444 36.98 -29.95 -3.90
N VAL B 445 37.28 -30.63 -5.00
CA VAL B 445 38.04 -30.05 -6.11
C VAL B 445 37.26 -30.07 -7.42
N ASP B 446 36.08 -30.67 -7.45
CA ASP B 446 35.22 -30.69 -8.63
C ASP B 446 34.00 -29.84 -8.32
N VAL B 447 33.79 -28.79 -9.12
CA VAL B 447 32.76 -27.80 -8.81
C VAL B 447 31.38 -28.44 -8.75
N LYS B 448 31.18 -29.55 -9.46
CA LYS B 448 29.89 -30.21 -9.48
C LYS B 448 29.64 -31.07 -8.25
N GLU B 449 30.66 -31.32 -7.44
CA GLU B 449 30.52 -32.03 -6.18
C GLU B 449 30.12 -31.12 -5.03
N ILE B 450 29.98 -29.82 -5.27
CA ILE B 450 29.68 -28.87 -4.21
C ILE B 450 28.19 -28.85 -3.96
N SER B 451 27.79 -29.20 -2.74
CA SER B 451 26.41 -29.09 -2.30
C SER B 451 26.22 -27.77 -1.55
N PHE B 452 25.20 -27.02 -1.94
CA PHE B 452 24.88 -25.75 -1.30
C PHE B 452 23.40 -25.50 -1.49
N CYS B 453 22.69 -25.21 -0.40
CA CYS B 453 21.24 -25.02 -0.41
C CYS B 453 20.54 -26.24 -0.99
N SER B 454 21.01 -27.43 -0.60
CA SER B 454 20.42 -28.73 -0.92
C SER B 454 20.55 -29.12 -2.37
N HIS B 455 21.34 -28.40 -3.17
CA HIS B 455 21.52 -28.71 -4.58
C HIS B 455 23.00 -28.88 -4.92
N ARG B 456 23.25 -29.65 -5.96
CA ARG B 456 24.51 -29.58 -6.69
C ARG B 456 24.26 -28.82 -8.00
N TYR B 457 25.35 -28.47 -8.68
CA TYR B 457 25.26 -27.53 -9.79
C TYR B 457 26.07 -28.04 -10.97
N TRP B 458 25.38 -28.24 -12.10
CA TRP B 458 25.90 -28.77 -13.34
C TRP B 458 25.87 -27.71 -14.44
N PRO B 459 26.84 -27.74 -15.35
CA PRO B 459 26.80 -26.79 -16.48
C PRO B 459 25.71 -27.17 -17.46
N VAL B 460 24.86 -26.20 -17.79
CA VAL B 460 23.84 -26.34 -18.82
C VAL B 460 24.09 -25.30 -19.88
N LYS B 461 24.05 -25.71 -21.14
CA LYS B 461 24.38 -24.82 -22.26
C LYS B 461 23.14 -24.07 -22.70
N TYR B 462 23.23 -22.74 -22.70
CA TYR B 462 22.14 -21.85 -23.12
C TYR B 462 22.64 -21.09 -24.35
N GLY B 463 22.25 -21.57 -25.54
CA GLY B 463 22.83 -21.04 -26.76
C GLY B 463 24.31 -21.33 -26.82
N ASN B 464 25.14 -20.29 -26.83
CA ASN B 464 26.58 -20.44 -26.77
C ASN B 464 27.16 -20.15 -25.40
N GLU B 465 26.31 -19.95 -24.40
CA GLU B 465 26.74 -19.74 -23.03
C GLU B 465 26.60 -21.03 -22.22
N ILE B 466 27.38 -21.10 -21.14
CA ILE B 466 27.27 -22.16 -20.15
C ILE B 466 26.87 -21.54 -18.83
N HIS B 467 25.85 -22.10 -18.19
CA HIS B 467 25.40 -21.62 -16.89
C HIS B 467 25.14 -22.83 -15.99
N TYR B 468 25.59 -22.72 -14.74
CA TYR B 468 25.51 -23.83 -13.80
C TYR B 468 24.14 -23.83 -13.13
N MSE B 469 23.45 -24.96 -13.22
CA MSE B 469 22.06 -25.05 -12.79
C MSE B 469 21.87 -26.12 -11.71
O MSE B 469 22.60 -27.11 -11.68
CB MSE B 469 21.16 -25.33 -14.00
CG MSE B 469 21.17 -24.21 -15.01
SE MSE B 469 20.47 -22.55 -14.26
CE MSE B 469 18.60 -23.06 -14.10
N PRO B 470 20.89 -25.92 -10.83
CA PRO B 470 20.76 -26.79 -9.65
C PRO B 470 20.14 -28.14 -9.99
N VAL B 471 20.73 -29.19 -9.39
CA VAL B 471 20.18 -30.53 -9.49
C VAL B 471 20.16 -31.16 -8.11
N ARG B 472 19.15 -32.00 -7.89
CA ARG B 472 19.00 -32.77 -6.67
C ARG B 472 18.08 -33.95 -7.00
N ASP B 473 17.91 -34.84 -6.03
CA ASP B 473 17.02 -35.97 -6.22
C ASP B 473 15.63 -35.49 -6.62
N VAL B 474 15.17 -35.93 -7.80
CA VAL B 474 13.89 -35.47 -8.31
C VAL B 474 12.73 -35.91 -7.44
N GLY B 475 12.91 -36.97 -6.64
CA GLY B 475 11.91 -37.31 -5.65
C GLY B 475 11.65 -36.18 -4.67
N GLU B 476 12.71 -35.47 -4.28
CA GLU B 476 12.54 -34.31 -3.42
C GLU B 476 11.84 -33.17 -4.15
N ILE B 477 12.22 -32.93 -5.41
CA ILE B 477 11.64 -31.84 -6.17
C ILE B 477 10.14 -32.05 -6.35
N PHE B 478 9.75 -33.26 -6.77
CA PHE B 478 8.34 -33.54 -6.99
C PHE B 478 7.56 -33.56 -5.68
N ALA B 479 8.19 -34.03 -4.60
CA ALA B 479 7.53 -34.05 -3.30
C ALA B 479 7.27 -32.63 -2.81
N LYS B 480 8.27 -31.75 -2.92
CA LYS B 480 8.07 -30.35 -2.55
C LYS B 480 6.92 -29.73 -3.33
N ALA B 481 6.83 -30.04 -4.62
CA ALA B 481 5.76 -29.50 -5.46
C ALA B 481 4.41 -30.15 -5.19
N THR B 482 4.36 -31.19 -4.36
CA THR B 482 3.10 -31.85 -4.04
C THR B 482 2.71 -31.58 -2.59
N MSE B 492 -9.48 -23.70 -6.32
CA MSE B 492 -9.43 -22.67 -5.28
C MSE B 492 -8.01 -22.17 -5.10
O MSE B 492 -7.31 -21.86 -6.07
CB MSE B 492 -9.95 -23.22 -3.95
CG MSE B 492 -11.41 -22.93 -3.65
SE MSE B 492 -12.07 -24.07 -2.21
CE MSE B 492 -13.35 -22.83 -1.39
N THR B 493 -7.58 -22.08 -3.84
CA THR B 493 -6.17 -21.88 -3.55
C THR B 493 -5.36 -23.09 -3.96
N GLN B 494 -5.99 -24.27 -4.02
CA GLN B 494 -5.28 -25.48 -4.40
C GLN B 494 -4.86 -25.45 -5.86
N GLU B 495 -5.78 -25.04 -6.75
CA GLU B 495 -5.41 -24.90 -8.15
C GLU B 495 -4.42 -23.77 -8.36
N ALA B 496 -4.59 -22.67 -7.61
CA ALA B 496 -3.64 -21.56 -7.71
C ALA B 496 -2.26 -21.98 -7.23
N TRP B 497 -2.20 -22.74 -6.13
CA TRP B 497 -0.91 -23.16 -5.59
C TRP B 497 -0.19 -24.09 -6.56
N ALA B 498 -0.89 -25.10 -7.09
CA ALA B 498 -0.26 -26.02 -8.02
C ALA B 498 0.31 -25.29 -9.22
N ARG B 499 -0.42 -24.31 -9.76
CA ARG B 499 0.06 -23.57 -10.92
C ARG B 499 1.31 -22.77 -10.60
N VAL B 500 1.46 -22.30 -9.36
CA VAL B 500 2.67 -21.60 -8.97
C VAL B 500 3.85 -22.57 -8.93
N GLN B 501 3.63 -23.78 -8.40
CA GLN B 501 4.65 -24.82 -8.51
C GLN B 501 4.97 -25.13 -9.96
N GLY B 502 3.99 -25.02 -10.86
CA GLY B 502 4.26 -25.20 -12.26
C GLY B 502 5.17 -24.12 -12.82
N LEU B 503 4.91 -22.87 -12.46
CA LEU B 503 5.75 -21.77 -12.93
C LEU B 503 7.13 -21.79 -12.26
N ASN B 504 7.19 -22.15 -10.99
CA ASN B 504 8.48 -22.22 -10.30
C ASN B 504 9.38 -23.28 -10.91
N MSE B 505 8.85 -24.49 -11.07
CA MSE B 505 9.61 -25.62 -11.59
C MSE B 505 10.12 -25.37 -13.01
O MSE B 505 11.23 -25.75 -13.36
CB MSE B 505 8.73 -26.87 -11.56
CG MSE B 505 9.33 -28.09 -12.24
SE MSE B 505 8.18 -29.64 -12.00
CE MSE B 505 7.69 -29.37 -10.13
N LEU B 506 9.30 -24.71 -13.83
CA LEU B 506 9.72 -24.40 -15.19
C LEU B 506 10.87 -23.40 -15.19
N VAL B 507 10.83 -22.42 -14.29
CA VAL B 507 11.91 -21.44 -14.22
C VAL B 507 13.19 -22.09 -13.72
N ASN B 508 13.11 -22.82 -12.61
CA ASN B 508 14.30 -23.28 -11.92
C ASN B 508 14.83 -24.61 -12.44
N TYR B 509 13.96 -25.48 -12.97
CA TYR B 509 14.35 -26.85 -13.29
C TYR B 509 14.07 -27.22 -14.74
N HIS B 510 14.05 -26.26 -15.67
CA HIS B 510 13.76 -26.60 -17.06
C HIS B 510 14.83 -27.50 -17.65
N HIS B 511 16.07 -27.40 -17.15
CA HIS B 511 17.17 -28.23 -17.66
C HIS B 511 17.02 -29.70 -17.28
N ILE B 512 16.13 -30.03 -16.35
CA ILE B 512 15.81 -31.42 -16.02
C ILE B 512 14.59 -31.81 -16.85
N PRO B 513 14.69 -32.79 -17.75
CA PRO B 513 13.58 -33.06 -18.68
C PRO B 513 12.27 -33.41 -17.99
N GLU B 514 12.30 -34.35 -17.04
CA GLU B 514 11.08 -34.72 -16.34
C GLU B 514 10.50 -33.56 -15.54
N CYS B 515 11.37 -32.64 -15.10
CA CYS B 515 10.87 -31.45 -14.41
C CYS B 515 10.20 -30.48 -15.38
N ARG B 516 10.81 -30.27 -16.55
CA ARG B 516 10.18 -29.38 -17.54
C ARG B 516 8.83 -29.93 -17.99
N MSE B 517 8.76 -31.23 -18.22
CA MSE B 517 7.53 -31.85 -18.70
C MSE B 517 6.40 -31.79 -17.67
O MSE B 517 5.24 -31.55 -18.03
CB MSE B 517 7.79 -33.31 -19.07
CG MSE B 517 6.70 -33.91 -19.93
SE MSE B 517 7.02 -35.80 -20.16
CE MSE B 517 8.96 -35.79 -20.01
N LEU B 518 6.73 -32.01 -16.40
CA LEU B 518 5.71 -31.90 -15.36
C LEU B 518 5.22 -30.47 -15.23
N ALA B 519 6.13 -29.50 -15.25
CA ALA B 519 5.72 -28.10 -15.14
C ALA B 519 4.80 -27.71 -16.31
N LEU B 520 5.17 -28.12 -17.52
CA LEU B 520 4.32 -27.85 -18.67
C LEU B 520 2.98 -28.57 -18.55
N ALA B 521 2.98 -29.75 -17.92
CA ALA B 521 1.72 -30.43 -17.66
C ALA B 521 0.88 -29.68 -16.64
N ILE B 522 1.51 -29.16 -15.59
CA ILE B 522 0.79 -28.37 -14.58
C ILE B 522 0.21 -27.11 -15.22
N LEU B 523 0.98 -26.49 -16.12
CA LEU B 523 0.53 -25.27 -16.78
C LEU B 523 -0.62 -25.54 -17.76
N SER B 524 -0.79 -26.78 -18.21
CA SER B 524 -1.87 -27.12 -19.12
C SER B 524 -3.16 -27.52 -18.41
N VAL B 525 -3.08 -27.89 -17.13
CA VAL B 525 -4.23 -28.41 -16.40
C VAL B 525 -4.81 -27.40 -15.42
N THR B 526 -4.12 -26.29 -15.15
CA THR B 526 -4.64 -25.24 -14.29
C THR B 526 -5.17 -24.10 -15.13
N ARG B 527 -6.18 -23.41 -14.61
CA ARG B 527 -6.87 -22.38 -15.38
C ARG B 527 -5.97 -21.18 -15.66
N ILE B 528 -6.52 -20.28 -16.47
CA ILE B 528 -5.96 -18.95 -16.71
C ILE B 528 -6.70 -17.97 -15.83
N GLY B 529 -5.96 -17.05 -15.22
CA GLY B 529 -6.58 -15.98 -14.46
C GLY B 529 -6.74 -16.23 -12.98
N LEU B 530 -6.00 -17.18 -12.40
CA LEU B 530 -6.06 -17.40 -10.97
C LEU B 530 -5.27 -16.32 -10.24
N ASN B 531 -5.22 -16.43 -8.91
CA ASN B 531 -4.56 -15.44 -8.06
C ASN B 531 -3.19 -15.99 -7.66
N LEU B 532 -2.19 -15.73 -8.49
CA LEU B 532 -0.85 -16.25 -8.27
C LEU B 532 -0.09 -15.42 -7.24
N ASP B 549 1.21 -16.47 -18.30
CA ASP B 549 1.71 -15.51 -19.26
C ASP B 549 3.23 -15.69 -19.44
N LEU B 550 3.83 -16.47 -18.54
CA LEU B 550 5.27 -16.70 -18.58
C LEU B 550 5.66 -17.32 -19.91
N ALA B 551 6.72 -16.78 -20.51
CA ALA B 551 7.30 -17.24 -21.76
C ALA B 551 8.81 -17.36 -21.57
N PRO B 552 9.49 -18.04 -22.48
CA PRO B 552 10.96 -18.15 -22.37
C PRO B 552 11.68 -16.80 -22.32
N ASP B 553 11.08 -15.73 -22.85
CA ASP B 553 11.75 -14.43 -22.80
C ASP B 553 12.00 -13.97 -21.38
N THR B 554 11.17 -14.41 -20.43
CA THR B 554 11.43 -14.11 -19.03
C THR B 554 12.57 -14.96 -18.49
N ILE B 555 12.63 -16.24 -18.90
CA ILE B 555 13.64 -17.14 -18.35
C ILE B 555 15.03 -16.72 -18.80
N HIS B 556 15.21 -16.50 -20.10
CA HIS B 556 16.51 -16.05 -20.60
C HIS B 556 16.94 -14.74 -19.93
N ALA B 557 15.98 -13.83 -19.73
CA ALA B 557 16.29 -12.58 -19.03
C ALA B 557 16.87 -12.83 -17.65
N LEU B 558 16.40 -13.88 -16.97
CA LEU B 558 16.91 -14.18 -15.64
C LEU B 558 18.30 -14.82 -15.70
N ILE B 559 18.60 -15.56 -16.76
CA ILE B 559 19.78 -16.41 -16.81
C ILE B 559 20.90 -15.79 -17.66
N THR B 560 20.58 -15.31 -18.86
CA THR B 560 21.60 -14.78 -19.77
C THR B 560 21.39 -13.30 -20.06
N GLU B 561 20.58 -12.61 -19.26
CA GLU B 561 20.24 -11.20 -19.48
C GLU B 561 19.63 -10.98 -20.87
N GLY B 562 18.93 -11.97 -21.39
CA GLY B 562 18.31 -11.84 -22.69
C GLY B 562 19.23 -12.03 -23.88
N ARG B 563 20.48 -12.43 -23.66
CA ARG B 563 21.37 -12.72 -24.79
C ARG B 563 20.97 -13.98 -25.54
N THR B 564 20.08 -14.80 -24.98
CA THR B 564 19.56 -15.99 -25.61
C THR B 564 18.04 -15.87 -25.72
N SER B 565 17.42 -16.75 -26.50
CA SER B 565 16.00 -16.60 -26.76
C SER B 565 15.38 -17.93 -27.16
N GLY B 566 14.08 -18.05 -26.93
CA GLY B 566 13.29 -19.15 -27.46
C GLY B 566 13.26 -20.37 -26.56
N TRP B 567 12.42 -21.33 -26.96
CA TRP B 567 12.38 -22.63 -26.30
C TRP B 567 13.60 -23.47 -26.67
N ASP B 568 14.12 -23.29 -27.89
CA ASP B 568 15.20 -24.11 -28.41
C ASP B 568 16.57 -23.76 -27.83
N GLN B 569 16.67 -22.70 -27.03
CA GLN B 569 17.92 -22.33 -26.38
C GLN B 569 17.86 -22.53 -24.88
N LEU B 570 16.79 -23.12 -24.36
CA LEU B 570 16.69 -23.54 -22.97
C LEU B 570 17.33 -24.92 -22.85
N GLY B 571 18.50 -24.99 -22.23
CA GLY B 571 19.30 -26.19 -22.28
C GLY B 571 18.75 -27.33 -21.45
N TYR B 572 19.32 -28.51 -21.69
CA TYR B 572 19.02 -29.73 -20.96
C TYR B 572 20.31 -30.28 -20.36
N VAL B 573 20.16 -31.11 -19.33
CA VAL B 573 21.28 -31.92 -18.89
C VAL B 573 21.57 -32.99 -19.93
N ASP B 574 22.80 -33.51 -19.90
CA ASP B 574 23.19 -34.56 -20.83
C ASP B 574 22.42 -35.84 -20.53
N PHE B 575 22.09 -36.58 -21.58
CA PHE B 575 21.35 -37.83 -21.42
C PHE B 575 22.08 -38.80 -20.51
N LYS B 576 23.41 -38.88 -20.63
CA LYS B 576 24.19 -39.83 -19.85
C LYS B 576 24.04 -39.58 -18.34
N ASP B 577 23.83 -38.34 -17.94
CA ASP B 577 23.75 -37.98 -16.53
C ASP B 577 22.34 -38.12 -15.97
N ARG B 578 21.40 -38.64 -16.75
CA ARG B 578 20.01 -38.82 -16.29
C ARG B 578 19.91 -40.17 -15.60
N LYS B 579 20.34 -40.20 -14.36
CA LYS B 579 20.39 -41.39 -13.50
C LYS B 579 20.68 -40.90 -12.09
N GLY B 580 20.70 -41.84 -11.14
CA GLY B 580 20.98 -41.49 -9.76
C GLY B 580 19.98 -40.52 -9.15
N ILE B 581 20.35 -39.24 -9.09
CA ILE B 581 19.43 -38.25 -8.55
C ILE B 581 18.32 -37.93 -9.54
N LEU B 582 18.61 -37.98 -10.84
CA LEU B 582 17.62 -37.72 -11.87
C LEU B 582 16.92 -39.02 -12.26
N LEU B 583 15.71 -38.86 -12.80
CA LEU B 583 14.94 -40.01 -13.27
C LEU B 583 15.62 -40.66 -14.46
N ARG B 584 15.69 -41.98 -14.45
CA ARG B 584 16.15 -42.61 -15.68
C ARG B 584 15.00 -42.73 -16.68
N PRO B 585 15.24 -42.42 -17.95
CA PRO B 585 14.15 -42.43 -18.94
C PRO B 585 13.82 -43.84 -19.43
N ASP B 586 13.36 -44.69 -18.51
CA ASP B 586 13.09 -46.09 -18.82
C ASP B 586 11.62 -46.25 -19.19
N THR B 587 11.07 -47.46 -18.99
CA THR B 587 9.72 -47.75 -19.49
C THR B 587 8.66 -47.01 -18.69
N SER B 588 8.82 -46.93 -17.36
CA SER B 588 7.89 -46.16 -16.55
C SER B 588 7.86 -44.70 -17.00
N TYR B 589 9.03 -44.14 -17.31
CA TYR B 589 9.10 -42.74 -17.75
C TYR B 589 8.39 -42.56 -19.08
N LYS B 590 8.66 -43.44 -20.05
CA LYS B 590 8.11 -43.27 -21.38
C LYS B 590 6.59 -43.42 -21.39
N ASN B 591 6.07 -44.38 -20.62
CA ASN B 591 4.62 -44.52 -20.51
C ASN B 591 4.00 -43.30 -19.83
N TRP B 592 4.68 -42.75 -18.82
CA TRP B 592 4.21 -41.54 -18.17
C TRP B 592 4.08 -40.40 -19.16
N ARG B 593 5.14 -40.12 -19.92
CA ARG B 593 5.08 -39.11 -20.96
C ARG B 593 4.00 -39.42 -21.97
N ARG B 594 3.84 -40.70 -22.32
CA ARG B 594 2.86 -41.10 -23.32
C ARG B 594 1.45 -40.70 -22.90
N ASP B 595 1.07 -40.99 -21.66
CA ASP B 595 -0.30 -40.77 -21.19
C ASP B 595 -0.53 -39.35 -20.66
N LEU B 596 0.50 -38.51 -20.63
CA LEU B 596 0.34 -37.19 -20.03
C LEU B 596 -0.69 -36.32 -20.74
N PRO B 597 -0.67 -36.19 -22.08
CA PRO B 597 -1.71 -35.36 -22.73
C PRO B 597 -3.12 -35.82 -22.42
N GLY B 598 -3.34 -37.12 -22.26
CA GLY B 598 -4.68 -37.59 -21.91
C GLY B 598 -5.05 -37.30 -20.47
N LYS B 599 -4.09 -37.51 -19.55
CA LYS B 599 -4.33 -37.17 -18.15
C LYS B 599 -4.56 -35.68 -17.97
N VAL B 600 -3.95 -34.86 -18.83
CA VAL B 600 -4.20 -33.42 -18.78
C VAL B 600 -5.65 -33.11 -19.17
N ARG B 601 -6.15 -33.78 -20.20
CA ARG B 601 -7.54 -33.56 -20.62
C ARG B 601 -8.52 -34.17 -19.63
N GLN B 602 -8.18 -35.30 -19.03
CA GLN B 602 -9.04 -35.92 -18.04
C GLN B 602 -9.20 -35.05 -16.79
N LEU B 603 -8.18 -34.26 -16.45
CA LEU B 603 -8.17 -33.49 -15.22
C LEU B 603 -8.68 -32.05 -15.39
N ARG B 604 -9.00 -31.63 -16.61
CA ARG B 604 -9.44 -30.26 -16.82
C ARG B 604 -10.89 -30.07 -16.36
N GLU B 605 -11.17 -28.86 -15.87
CA GLU B 605 -12.45 -28.52 -15.27
C GLU B 605 -12.85 -27.10 -15.68
N ASP B 606 -13.74 -26.99 -16.66
CA ASP B 606 -14.55 -25.79 -16.88
C ASP B 606 -13.80 -24.45 -16.96
N GLY B 607 -12.48 -24.46 -16.78
CA GLY B 607 -11.70 -23.24 -16.93
C GLY B 607 -11.26 -23.06 -18.37
N GLN B 608 -10.48 -21.99 -18.60
CA GLN B 608 -9.82 -21.81 -19.88
C GLN B 608 -8.37 -22.23 -19.74
N TYR B 609 -7.97 -23.20 -20.54
CA TYR B 609 -6.62 -23.78 -20.46
C TYR B 609 -5.88 -23.56 -21.77
N LYS B 610 -4.57 -23.75 -21.70
CA LYS B 610 -3.70 -23.75 -22.87
C LYS B 610 -2.81 -24.98 -22.81
N ASP B 611 -2.44 -25.50 -23.97
CA ASP B 611 -1.55 -26.65 -24.03
C ASP B 611 -0.10 -26.18 -23.99
N TRP B 612 0.67 -26.74 -23.05
CA TRP B 612 2.07 -26.42 -22.90
C TRP B 612 3.01 -27.55 -23.28
N LEU B 613 2.53 -28.79 -23.24
CA LEU B 613 3.38 -29.93 -23.59
C LEU B 613 3.93 -29.82 -25.00
N GLN B 614 3.24 -29.06 -25.87
CA GLN B 614 3.68 -28.85 -27.24
C GLN B 614 5.08 -28.24 -27.32
N ARG B 615 5.49 -27.50 -26.29
CA ARG B 615 6.78 -26.83 -26.30
C ARG B 615 7.96 -27.78 -26.15
N MSE B 616 7.72 -29.09 -26.06
CA MSE B 616 8.79 -30.08 -26.11
C MSE B 616 8.55 -31.11 -27.20
O MSE B 616 9.04 -30.96 -28.33
CB MSE B 616 8.91 -30.81 -24.77
CG MSE B 616 8.70 -29.92 -23.59
SE MSE B 616 9.05 -30.94 -21.97
CE MSE B 616 10.30 -32.21 -22.74
N ALA B 617 7.79 -32.15 -26.87
CA ALA B 617 7.51 -33.26 -27.77
C ALA B 617 6.38 -34.12 -27.22
SE SE C . 10.77 26.43 7.45
#